data_9JOU
#
_entry.id   9JOU
#
_cell.length_a   1.00
_cell.length_b   1.00
_cell.length_c   1.00
_cell.angle_alpha   90.00
_cell.angle_beta   90.00
_cell.angle_gamma   90.00
#
_symmetry.space_group_name_H-M   'P 1'
#
loop_
_entity.id
_entity.type
_entity.pdbx_description
1 polymer Proteorhodopsin
2 non-polymer RETINAL
3 non-polymer HEXADECANE
4 non-polymer DODECANE
5 non-polymer Zeaxanthin
6 water water
#
_entity_poly.entity_id   1
_entity_poly.type   'polypeptide(L)'
_entity_poly.pdbx_seq_one_letter_code
;MNNLLLNIEVVRLAADDYVGFTFFVGCMAMMAASAFFFLSMSSFERKWRTSILVSGLITFIAAVHYWYMRDYWSGFAESP
VFFRYVDWVLTVPLMCVEFYLILKVAGAKKSLMWKLIFLSVVMLVTGYFGEAVDRGNAWLWGLFSGVAYFWIVIEIWFGK
AKKLAVAAGGDVLAAHKTLCWFVLVGWAIYPIGYMAGTPGWYDSIFGGWDLNVIYNIGDAINKIGFGLVIYNLAVQATNK
KDGLVNLEENLYFQGWSHPQ
;
_entity_poly.pdbx_strand_id   A,B,C,D,E
#
# COMPACT_ATOMS: atom_id res chain seq x y z
N VAL A 11 -25.24 1.79 12.80
CA VAL A 11 -23.93 2.51 12.78
C VAL A 11 -24.11 3.90 12.19
N ARG A 12 -25.37 4.36 12.03
CA ARG A 12 -25.64 5.68 11.46
C ARG A 12 -25.14 6.74 12.44
N LEU A 13 -24.53 7.80 11.90
CA LEU A 13 -23.97 8.86 12.73
C LEU A 13 -25.01 9.97 12.82
N ALA A 14 -24.85 10.82 13.84
CA ALA A 14 -25.69 11.97 14.09
C ALA A 14 -24.87 13.25 14.01
N ALA A 15 -25.55 14.39 13.78
CA ALA A 15 -24.89 15.66 13.57
C ALA A 15 -24.20 16.16 14.84
N ASP A 16 -24.80 15.84 16.01
CA ASP A 16 -24.33 16.37 17.29
C ASP A 16 -23.26 15.48 17.91
N ASP A 17 -22.92 14.38 17.24
CA ASP A 17 -21.87 13.48 17.72
C ASP A 17 -20.50 14.09 17.41
N TYR A 18 -20.05 14.94 18.33
CA TYR A 18 -18.82 15.68 18.17
C TYR A 18 -17.62 14.77 18.38
N VAL A 19 -17.81 13.71 19.18
CA VAL A 19 -16.76 12.73 19.37
C VAL A 19 -16.54 12.05 18.03
N GLY A 20 -17.62 11.56 17.41
CA GLY A 20 -17.55 10.92 16.11
C GLY A 20 -16.69 11.77 15.18
N PHE A 21 -17.08 13.04 15.07
CA PHE A 21 -16.46 13.92 14.10
C PHE A 21 -14.96 13.99 14.35
N THR A 22 -14.57 14.02 15.61
CA THR A 22 -13.19 14.31 15.94
C THR A 22 -12.37 13.06 15.69
N PHE A 23 -12.99 11.89 15.84
CA PHE A 23 -12.28 10.66 15.45
C PHE A 23 -11.99 10.66 13.95
N PHE A 24 -13.02 10.94 13.15
CA PHE A 24 -12.86 10.92 11.70
C PHE A 24 -11.85 11.96 11.23
N VAL A 25 -11.85 13.13 11.86
CA VAL A 25 -10.93 14.17 11.43
C VAL A 25 -9.51 13.74 11.80
N GLY A 26 -9.35 13.29 13.06
CA GLY A 26 -8.06 12.90 13.59
C GLY A 26 -7.48 11.76 12.74
N CYS A 27 -8.29 10.73 12.54
CA CYS A 27 -7.82 9.63 11.70
C CYS A 27 -7.36 10.11 10.34
N MET A 28 -8.13 11.02 9.69
CA MET A 28 -7.83 11.50 8.34
C MET A 28 -6.57 12.37 8.33
N ALA A 29 -6.47 13.27 9.34
CA ALA A 29 -5.34 14.18 9.44
C ALA A 29 -4.05 13.40 9.74
N MET A 30 -4.15 12.35 10.56
CA MET A 30 -2.96 11.57 10.87
C MET A 30 -2.52 10.81 9.60
N MET A 31 -3.47 10.19 8.92
CA MET A 31 -3.14 9.49 7.68
C MET A 31 -2.48 10.41 6.65
N ALA A 32 -2.95 11.66 6.56
CA ALA A 32 -2.40 12.63 5.61
C ALA A 32 -0.97 13.00 5.98
N ALA A 33 -0.80 13.46 7.24
CA ALA A 33 0.54 13.73 7.78
C ALA A 33 1.47 12.52 7.54
N SER A 34 1.05 11.30 7.87
CA SER A 34 1.97 10.16 7.72
C SER A 34 2.47 10.06 6.29
N ALA A 35 1.54 10.25 5.33
CA ALA A 35 1.87 10.24 3.92
C ALA A 35 2.83 11.39 3.61
N PHE A 36 2.59 12.54 4.25
CA PHE A 36 3.29 13.77 3.92
C PHE A 36 4.76 13.66 4.31
N PHE A 37 5.06 13.05 5.47
CA PHE A 37 6.45 12.85 5.89
C PHE A 37 7.09 11.70 5.11
N PHE A 38 6.40 10.58 4.96
CA PHE A 38 6.96 9.49 4.17
C PHE A 38 7.31 9.94 2.76
N LEU A 39 6.46 10.78 2.14
CA LEU A 39 6.68 11.13 0.74
C LEU A 39 7.63 12.32 0.62
N SER A 40 7.84 13.07 1.72
CA SER A 40 8.76 14.18 1.66
C SER A 40 10.17 13.73 1.99
N MET A 41 10.27 12.57 2.65
CA MET A 41 11.52 12.09 3.22
C MET A 41 12.63 12.22 2.19
N SER A 42 12.33 11.89 0.92
CA SER A 42 13.34 11.74 -0.11
C SER A 42 13.85 13.08 -0.63
N SER A 43 13.20 14.19 -0.27
CA SER A 43 13.58 15.52 -0.75
C SER A 43 14.58 16.20 0.20
N PHE A 44 15.34 15.42 0.96
CA PHE A 44 16.26 15.92 1.96
C PHE A 44 17.59 15.21 1.87
N GLU A 45 18.60 15.78 2.54
CA GLU A 45 19.92 15.19 2.58
C GLU A 45 19.84 13.90 3.40
N ARG A 46 20.89 13.07 3.29
CA ARG A 46 20.97 11.78 3.93
C ARG A 46 20.70 11.87 5.44
N LYS A 47 21.16 12.96 6.08
CA LYS A 47 21.24 13.01 7.53
C LYS A 47 19.88 13.30 8.17
N TRP A 48 19.05 14.11 7.50
CA TRP A 48 17.80 14.53 8.11
C TRP A 48 16.75 13.42 8.01
N ARG A 49 16.78 12.69 6.89
CA ARG A 49 15.79 11.68 6.55
C ARG A 49 15.29 10.93 7.78
N THR A 50 16.20 10.35 8.55
CA THR A 50 15.78 9.46 9.63
C THR A 50 14.85 10.20 10.58
N SER A 51 15.15 11.46 10.86
CA SER A 51 14.37 12.22 11.82
C SER A 51 12.94 12.41 11.29
N ILE A 52 12.83 12.68 9.98
CA ILE A 52 11.53 12.82 9.38
C ILE A 52 10.86 11.45 9.49
N LEU A 53 11.53 10.43 8.90
CA LEU A 53 10.97 9.08 8.84
C LEU A 53 10.23 8.75 10.13
N VAL A 54 10.97 8.87 11.26
CA VAL A 54 10.42 8.51 12.56
C VAL A 54 9.21 9.38 12.89
N SER A 55 9.24 10.68 12.57
CA SER A 55 8.07 11.49 12.80
C SER A 55 6.87 10.90 12.06
N GLY A 56 7.07 10.61 10.77
CA GLY A 56 6.02 9.91 10.06
C GLY A 56 5.57 8.64 10.79
N LEU A 57 6.49 7.69 11.08
CA LEU A 57 6.11 6.54 11.88
C LEU A 57 5.15 6.88 13.00
N ILE A 58 5.50 7.91 13.83
CA ILE A 58 4.62 8.38 14.87
C ILE A 58 3.22 8.67 14.35
N THR A 59 3.10 9.53 13.33
CA THR A 59 1.76 9.76 12.82
C THR A 59 1.17 8.45 12.29
N PHE A 60 2.02 7.62 11.65
CA PHE A 60 1.49 6.39 11.09
C PHE A 60 0.86 5.48 12.14
N ILE A 61 1.57 5.22 13.25
CA ILE A 61 1.00 4.36 14.28
C ILE A 61 -0.33 4.94 14.75
N ALA A 62 -0.35 6.26 15.09
CA ALA A 62 -1.57 6.95 15.43
C ALA A 62 -2.66 6.79 14.35
N ALA A 63 -2.37 7.13 13.09
CA ALA A 63 -3.40 6.91 12.05
C ALA A 63 -4.03 5.52 12.13
N VAL A 64 -3.20 4.46 12.21
CA VAL A 64 -3.75 3.11 12.21
C VAL A 64 -4.54 2.85 13.48
N HIS A 65 -4.04 3.29 14.65
CA HIS A 65 -4.82 3.10 15.87
C HIS A 65 -6.09 3.96 15.80
N TYR A 66 -5.98 5.21 15.35
CA TYR A 66 -7.18 6.05 15.29
C TYR A 66 -8.25 5.41 14.42
N TRP A 67 -7.84 4.79 13.31
CA TRP A 67 -8.76 4.11 12.40
C TRP A 67 -9.56 3.07 13.18
N TYR A 68 -8.86 2.29 14.01
CA TYR A 68 -9.51 1.27 14.84
C TYR A 68 -10.44 1.96 15.83
N MET A 69 -9.94 2.95 16.55
CA MET A 69 -10.78 3.60 17.54
C MET A 69 -12.01 4.21 16.87
N ARG A 70 -11.79 4.95 15.77
CA ARG A 70 -12.86 5.52 14.97
C ARG A 70 -13.98 4.52 14.67
N ASP A 71 -13.60 3.27 14.34
CA ASP A 71 -14.62 2.27 14.05
C ASP A 71 -15.32 1.87 15.35
N TYR A 72 -14.53 1.74 16.43
CA TYR A 72 -15.04 1.21 17.67
C TYR A 72 -16.14 2.15 18.16
N TRP A 73 -15.83 3.45 18.23
CA TRP A 73 -16.80 4.42 18.67
C TRP A 73 -18.07 4.39 17.84
N SER A 74 -17.91 4.21 16.52
CA SER A 74 -19.06 4.10 15.64
C SER A 74 -19.86 2.85 15.98
N GLY A 75 -19.19 1.83 16.49
CA GLY A 75 -19.85 0.58 16.85
C GLY A 75 -20.61 0.67 18.18
N PHE A 76 -19.86 1.00 19.24
CA PHE A 76 -20.36 0.84 20.61
C PHE A 76 -20.56 2.18 21.30
N ALA A 77 -20.17 3.28 20.65
CA ALA A 77 -20.38 4.61 21.21
C ALA A 77 -19.74 4.72 22.59
N GLU A 78 -18.53 4.16 22.73
CA GLU A 78 -17.75 4.27 23.94
C GLU A 78 -16.28 3.98 23.62
N SER A 79 -15.39 4.89 24.03
CA SER A 79 -13.96 4.78 23.77
C SER A 79 -13.21 4.57 25.09
N PRO A 80 -12.94 3.30 25.50
CA PRO A 80 -12.24 3.05 26.76
C PRO A 80 -10.82 3.64 26.77
N VAL A 81 -10.47 4.28 27.90
CA VAL A 81 -9.31 5.13 27.97
C VAL A 81 -8.05 4.28 27.83
N PHE A 82 -8.08 3.10 28.47
CA PHE A 82 -6.92 2.22 28.51
C PHE A 82 -6.49 1.85 27.09
N PHE A 83 -7.46 1.76 26.18
CA PHE A 83 -7.20 1.37 24.80
C PHE A 83 -6.30 2.38 24.10
N ARG A 84 -6.41 3.66 24.48
CA ARG A 84 -5.53 4.68 23.93
C ARG A 84 -4.08 4.31 24.19
N TYR A 85 -3.82 3.58 25.29
CA TYR A 85 -2.45 3.35 25.74
C TYR A 85 -1.69 2.58 24.69
N VAL A 86 -2.41 1.69 23.99
CA VAL A 86 -1.88 0.94 22.85
C VAL A 86 -1.05 1.86 21.96
N ASP A 87 -1.59 3.05 21.67
CA ASP A 87 -0.88 4.01 20.85
C ASP A 87 0.18 4.70 21.68
N TRP A 88 -0.19 5.28 22.83
CA TRP A 88 0.72 6.13 23.59
C TRP A 88 2.01 5.42 23.97
N VAL A 89 1.91 4.17 24.42
CA VAL A 89 3.11 3.48 24.87
C VAL A 89 4.11 3.36 23.73
N LEU A 90 3.65 3.35 22.47
CA LEU A 90 4.55 3.30 21.31
C LEU A 90 5.04 4.69 20.90
N THR A 91 4.15 5.68 20.91
CA THR A 91 4.46 6.96 20.27
C THR A 91 5.25 7.87 21.21
N VAL A 92 4.82 7.96 22.47
CA VAL A 92 5.45 8.87 23.44
C VAL A 92 6.95 8.66 23.50
N PRO A 93 7.44 7.39 23.53
CA PRO A 93 8.88 7.15 23.40
C PRO A 93 9.51 7.72 22.14
N LEU A 94 8.84 7.55 20.99
CA LEU A 94 9.44 8.01 19.74
C LEU A 94 9.65 9.52 19.79
N MET A 95 8.67 10.25 20.28
CA MET A 95 8.81 11.70 20.44
C MET A 95 10.03 12.06 21.26
N CYS A 96 10.25 11.34 22.36
CA CYS A 96 11.46 11.50 23.15
C CYS A 96 12.70 11.24 22.29
N VAL A 97 12.63 10.21 21.44
CA VAL A 97 13.77 9.85 20.60
C VAL A 97 14.03 11.03 19.67
N GLU A 98 12.98 11.75 19.30
CA GLU A 98 13.08 12.95 18.46
C GLU A 98 13.99 14.02 19.07
N PHE A 99 14.17 14.01 20.40
CA PHE A 99 15.16 14.88 21.02
C PHE A 99 16.56 14.42 20.61
N TYR A 100 16.78 13.11 20.48
CA TYR A 100 18.11 12.61 20.18
C TYR A 100 18.50 12.95 18.74
N LEU A 101 17.54 12.83 17.81
CA LEU A 101 17.84 12.98 16.38
C LEU A 101 18.15 14.43 16.03
N ILE A 102 17.60 15.38 16.79
CA ILE A 102 17.85 16.78 16.52
C ILE A 102 19.18 17.23 17.13
N LEU A 103 19.63 16.61 18.23
CA LEU A 103 20.87 17.01 18.88
C LEU A 103 21.99 16.05 18.52
N LYS A 104 21.75 15.14 17.57
CA LYS A 104 22.74 14.12 17.25
C LYS A 104 23.96 14.74 16.57
N VAL A 105 23.71 15.77 15.75
CA VAL A 105 24.77 16.43 15.03
C VAL A 105 25.47 17.41 15.97
N ALA A 106 24.79 17.81 17.05
CA ALA A 106 25.32 18.73 18.03
C ALA A 106 26.22 18.00 19.04
N GLY A 107 26.18 16.67 19.03
CA GLY A 107 27.03 15.86 19.88
C GLY A 107 26.25 15.29 21.06
N ALA A 108 25.10 14.67 20.76
CA ALA A 108 24.32 13.95 21.75
C ALA A 108 24.87 12.53 21.87
N LYS A 109 24.76 11.98 23.09
CA LYS A 109 25.25 10.65 23.40
C LYS A 109 24.05 9.71 23.56
N LYS A 110 24.21 8.46 23.09
CA LYS A 110 23.15 7.48 23.12
C LYS A 110 22.61 7.30 24.53
N SER A 111 23.45 7.57 25.53
CA SER A 111 23.05 7.50 26.93
C SER A 111 21.80 8.36 27.16
N LEU A 112 21.77 9.53 26.53
CA LEU A 112 20.64 10.45 26.66
C LEU A 112 19.40 9.80 26.02
N MET A 113 19.59 9.21 24.84
CA MET A 113 18.47 8.58 24.18
C MET A 113 17.90 7.45 25.03
N TRP A 114 18.76 6.55 25.51
CA TRP A 114 18.35 5.47 26.40
C TRP A 114 17.59 6.00 27.62
N LYS A 115 18.15 7.04 28.26
CA LYS A 115 17.49 7.65 29.40
C LYS A 115 16.06 8.02 28.99
N LEU A 116 15.95 8.83 27.94
CA LEU A 116 14.64 9.32 27.53
C LEU A 116 13.68 8.15 27.32
N ILE A 117 14.09 7.16 26.50
CA ILE A 117 13.22 6.02 26.25
C ILE A 117 12.77 5.39 27.57
N PHE A 118 13.75 5.07 28.44
CA PHE A 118 13.50 4.51 29.76
C PHE A 118 12.43 5.34 30.47
N LEU A 119 12.66 6.65 30.59
CA LEU A 119 11.74 7.47 31.34
C LEU A 119 10.34 7.33 30.74
N SER A 120 10.24 7.56 29.42
CA SER A 120 8.96 7.55 28.72
C SER A 120 8.23 6.21 28.87
N VAL A 121 8.97 5.10 28.69
CA VAL A 121 8.35 3.81 28.89
C VAL A 121 7.81 3.70 30.33
N VAL A 122 8.65 4.04 31.33
CA VAL A 122 8.22 3.87 32.72
C VAL A 122 6.91 4.64 32.85
N MET A 123 6.97 5.93 32.47
CA MET A 123 5.81 6.78 32.58
C MET A 123 4.54 6.10 32.06
N LEU A 124 4.62 5.58 30.81
CA LEU A 124 3.46 4.99 30.17
C LEU A 124 3.03 3.67 30.82
N VAL A 125 4.00 2.80 31.20
CA VAL A 125 3.66 1.56 31.89
C VAL A 125 2.99 1.89 33.23
N THR A 126 3.58 2.78 34.01
CA THR A 126 2.99 3.13 35.30
C THR A 126 1.57 3.62 35.08
N GLY A 127 1.40 4.52 34.09
CA GLY A 127 0.07 4.97 33.67
C GLY A 127 -0.88 3.80 33.44
N TYR A 128 -0.43 2.83 32.62
CA TYR A 128 -1.24 1.69 32.23
C TYR A 128 -1.60 0.84 33.43
N PHE A 129 -0.67 0.68 34.39
CA PHE A 129 -0.93 -0.06 35.62
C PHE A 129 -1.99 0.66 36.44
N GLY A 130 -1.80 1.98 36.61
CA GLY A 130 -2.75 2.81 37.33
C GLY A 130 -4.17 2.69 36.76
N GLU A 131 -4.28 2.56 35.43
CA GLU A 131 -5.55 2.73 34.74
C GLU A 131 -6.22 1.39 34.39
N ALA A 132 -5.45 0.30 34.36
CA ALA A 132 -5.96 -0.97 33.83
C ALA A 132 -5.98 -2.08 34.90
N VAL A 133 -4.81 -2.38 35.46
CA VAL A 133 -4.66 -3.57 36.28
C VAL A 133 -5.02 -3.26 37.72
N ASP A 134 -4.50 -2.14 38.26
CA ASP A 134 -4.56 -1.85 39.69
C ASP A 134 -5.15 -0.46 39.93
N ARG A 135 -6.47 -0.39 40.07
CA ARG A 135 -7.20 0.87 40.16
C ARG A 135 -7.27 1.35 41.60
N GLY A 136 -7.22 0.41 42.55
CA GLY A 136 -7.30 0.74 43.97
C GLY A 136 -6.09 1.58 44.39
N ASN A 137 -4.92 1.22 43.84
CA ASN A 137 -3.65 1.85 44.19
C ASN A 137 -3.21 2.74 43.02
N ALA A 138 -4.20 3.31 42.32
CA ALA A 138 -3.95 4.08 41.11
C ALA A 138 -3.16 5.36 41.42
N TRP A 139 -3.37 5.92 42.63
CA TRP A 139 -2.78 7.20 43.00
C TRP A 139 -1.25 7.09 43.03
N LEU A 140 -0.75 5.95 43.54
CA LEU A 140 0.69 5.75 43.69
C LEU A 140 1.30 5.65 42.30
N TRP A 141 0.68 4.82 41.44
CA TRP A 141 1.12 4.70 40.06
C TRP A 141 1.14 6.08 39.39
N GLY A 142 0.02 6.80 39.52
CA GLY A 142 -0.01 8.20 39.11
C GLY A 142 1.26 8.92 39.55
N LEU A 143 1.54 8.83 40.86
CA LEU A 143 2.65 9.55 41.47
C LEU A 143 3.95 9.21 40.76
N PHE A 144 4.21 7.91 40.61
CA PHE A 144 5.38 7.43 39.89
C PHE A 144 5.41 7.96 38.46
N SER A 145 4.30 7.85 37.71
CA SER A 145 4.25 8.38 36.36
C SER A 145 4.55 9.88 36.38
N GLY A 146 3.87 10.60 37.31
CA GLY A 146 4.09 12.03 37.50
C GLY A 146 5.58 12.32 37.59
N VAL A 147 6.28 11.50 38.40
CA VAL A 147 7.67 11.78 38.71
C VAL A 147 8.46 11.61 37.43
N ALA A 148 8.13 10.56 36.66
CA ALA A 148 8.77 10.32 35.36
C ALA A 148 8.50 11.48 34.39
N TYR A 149 7.26 11.97 34.37
CA TYR A 149 7.00 13.16 33.58
C TYR A 149 7.90 14.32 34.00
N PHE A 150 7.88 14.67 35.30
CA PHE A 150 8.58 15.84 35.81
C PHE A 150 10.06 15.74 35.42
N TRP A 151 10.60 14.53 35.61
CA TRP A 151 12.00 14.27 35.33
C TRP A 151 12.27 14.66 33.87
N ILE A 152 11.38 14.21 32.98
CA ILE A 152 11.53 14.47 31.55
C ILE A 152 11.42 15.97 31.28
N VAL A 153 10.37 16.61 31.80
CA VAL A 153 10.26 18.06 31.64
C VAL A 153 11.48 18.78 32.23
N ILE A 154 12.03 18.37 33.40
CA ILE A 154 13.17 19.11 33.94
C ILE A 154 14.42 18.82 33.10
N GLU A 155 14.55 17.58 32.63
CA GLU A 155 15.66 17.23 31.76
C GLU A 155 15.69 18.17 30.56
N ILE A 156 14.53 18.34 29.91
CA ILE A 156 14.49 19.01 28.62
C ILE A 156 14.58 20.52 28.81
N TRP A 157 14.08 21.03 29.94
CA TRP A 157 14.07 22.47 30.18
C TRP A 157 15.41 22.97 30.73
N PHE A 158 15.97 22.28 31.74
CA PHE A 158 17.16 22.76 32.43
C PHE A 158 18.29 21.73 32.44
N GLY A 159 18.06 20.55 31.87
CA GLY A 159 19.03 19.47 31.96
C GLY A 159 20.04 19.52 30.82
N LYS A 160 20.65 18.36 30.53
CA LYS A 160 21.73 18.23 29.56
C LYS A 160 21.27 18.67 28.17
N ALA A 161 20.02 18.31 27.84
CA ALA A 161 19.48 18.51 26.50
C ALA A 161 19.49 19.98 26.13
N LYS A 162 19.07 20.84 27.08
CA LYS A 162 18.98 22.26 26.83
C LYS A 162 20.39 22.84 26.64
N LYS A 163 21.33 22.36 27.48
CA LYS A 163 22.67 22.92 27.47
C LYS A 163 23.34 22.57 26.15
N LEU A 164 23.09 21.35 25.65
CA LEU A 164 23.64 20.91 24.38
C LEU A 164 23.04 21.72 23.23
N ALA A 165 21.74 22.04 23.34
CA ALA A 165 21.05 22.80 22.32
C ALA A 165 21.56 24.23 22.28
N VAL A 166 21.80 24.83 23.46
CA VAL A 166 22.27 26.20 23.54
C VAL A 166 23.70 26.30 23.00
N ALA A 167 24.52 25.28 23.30
CA ALA A 167 25.88 25.21 22.79
C ALA A 167 25.87 25.22 21.26
N ALA A 168 24.99 24.40 20.66
CA ALA A 168 24.73 24.42 19.22
C ALA A 168 23.45 25.20 18.93
N GLY A 169 23.51 26.52 19.15
CA GLY A 169 22.39 27.43 18.99
C GLY A 169 21.88 27.51 17.55
N GLY A 170 21.04 28.52 17.30
CA GLY A 170 20.42 28.71 15.98
C GLY A 170 19.08 28.00 15.90
N ASP A 171 18.70 27.62 14.68
CA ASP A 171 17.40 27.02 14.38
C ASP A 171 17.17 25.75 15.20
N VAL A 172 18.23 24.96 15.40
CA VAL A 172 18.16 23.73 16.20
C VAL A 172 17.69 24.06 17.61
N LEU A 173 18.17 25.19 18.16
CA LEU A 173 17.76 25.62 19.48
C LEU A 173 16.28 25.97 19.44
N ALA A 174 15.87 26.80 18.47
CA ALA A 174 14.50 27.26 18.42
C ALA A 174 13.53 26.08 18.46
N ALA A 175 13.65 25.18 17.49
CA ALA A 175 12.89 23.94 17.39
C ALA A 175 12.85 23.15 18.71
N HIS A 176 13.99 23.09 19.41
CA HIS A 176 14.05 22.54 20.75
C HIS A 176 13.01 23.23 21.62
N LYS A 177 13.04 24.56 21.67
CA LYS A 177 12.23 25.23 22.68
C LYS A 177 10.79 24.77 22.42
N THR A 178 10.38 24.88 21.16
CA THR A 178 8.99 24.70 20.79
C THR A 178 8.49 23.32 21.19
N LEU A 179 9.34 22.31 20.95
CA LEU A 179 9.14 20.99 21.50
C LEU A 179 8.89 21.05 23.00
N CYS A 180 9.73 21.78 23.75
CA CYS A 180 9.56 21.83 25.20
C CYS A 180 8.20 22.42 25.54
N TRP A 181 7.76 23.40 24.75
CA TRP A 181 6.45 23.97 24.99
C TRP A 181 5.37 22.91 24.78
N PHE A 182 5.42 22.24 23.62
CA PHE A 182 4.56 21.10 23.31
C PHE A 182 4.59 20.03 24.41
N VAL A 183 5.78 19.63 24.87
CA VAL A 183 5.83 18.78 26.05
C VAL A 183 5.15 19.45 27.24
N LEU A 184 5.52 20.70 27.56
CA LEU A 184 5.05 21.31 28.80
C LEU A 184 3.54 21.52 28.74
N VAL A 185 3.06 22.14 27.66
CA VAL A 185 1.68 22.58 27.60
C VAL A 185 0.84 21.51 26.89
N GLY A 186 1.34 21.03 25.75
CA GLY A 186 0.60 20.07 24.95
C GLY A 186 0.27 18.82 25.74
N TRP A 187 1.29 18.22 26.36
CA TRP A 187 1.10 16.95 27.03
C TRP A 187 0.26 17.06 28.30
N ALA A 188 0.23 18.26 28.92
CA ALA A 188 -0.35 18.48 30.23
C ALA A 188 -1.77 17.93 30.33
N ILE A 189 -2.50 17.86 29.20
CA ILE A 189 -3.88 17.42 29.24
C ILE A 189 -3.97 15.91 29.54
N TYR A 190 -2.89 15.16 29.37
CA TYR A 190 -2.96 13.73 29.64
C TYR A 190 -3.00 13.45 31.14
N PRO A 191 -2.02 13.93 31.96
CA PRO A 191 -2.13 13.86 33.41
C PRO A 191 -3.46 14.34 33.99
N ILE A 192 -4.01 15.42 33.43
CA ILE A 192 -5.30 15.92 33.88
C ILE A 192 -6.38 14.86 33.68
N GLY A 193 -6.41 14.24 32.50
CA GLY A 193 -7.43 13.25 32.20
C GLY A 193 -7.38 12.07 33.17
N TYR A 194 -6.16 11.68 33.56
CA TYR A 194 -5.96 10.68 34.59
C TYR A 194 -6.75 11.04 35.84
N MET A 195 -6.62 12.31 36.29
CA MET A 195 -7.27 12.79 37.50
C MET A 195 -8.78 12.60 37.39
N ALA A 196 -9.31 12.84 36.18
CA ALA A 196 -10.74 12.74 35.94
C ALA A 196 -11.18 11.28 35.78
N GLY A 197 -10.21 10.37 35.65
CA GLY A 197 -10.49 8.97 35.33
C GLY A 197 -10.48 8.07 36.57
N THR A 198 -9.59 8.37 37.53
CA THR A 198 -9.33 7.47 38.64
C THR A 198 -9.77 8.13 39.95
N PRO A 199 -10.22 7.35 40.97
CA PRO A 199 -10.47 7.89 42.30
C PRO A 199 -9.19 8.22 43.04
N GLY A 200 -9.29 9.15 44.00
CA GLY A 200 -8.14 9.60 44.77
C GLY A 200 -8.41 10.92 45.47
N TRP A 201 -7.36 11.75 45.59
CA TRP A 201 -7.46 13.05 46.25
C TRP A 201 -7.71 14.17 45.22
N TYR A 202 -7.79 13.81 43.94
CA TYR A 202 -7.91 14.78 42.86
C TYR A 202 -9.24 14.64 42.13
N ASP A 203 -10.17 13.86 42.70
CA ASP A 203 -11.51 13.69 42.16
C ASP A 203 -12.24 15.04 42.20
N SER A 204 -12.15 15.72 43.34
CA SER A 204 -12.81 17.01 43.54
C SER A 204 -12.40 18.01 42.46
N ILE A 205 -11.08 18.23 42.32
CA ILE A 205 -10.53 19.20 41.38
C ILE A 205 -10.97 18.83 39.97
N PHE A 206 -10.58 17.63 39.53
CA PHE A 206 -10.98 17.09 38.22
C PHE A 206 -11.77 15.80 38.41
N GLY A 207 -13.08 15.85 38.10
CA GLY A 207 -13.91 14.66 38.14
C GLY A 207 -15.15 14.81 37.27
N GLY A 208 -15.48 13.76 36.50
CA GLY A 208 -16.71 13.73 35.72
C GLY A 208 -16.58 14.42 34.36
N TRP A 209 -15.38 14.93 34.04
CA TRP A 209 -15.14 15.63 32.79
C TRP A 209 -15.11 14.62 31.63
N ASP A 210 -15.71 15.00 30.50
CA ASP A 210 -15.60 14.24 29.26
C ASP A 210 -14.41 14.76 28.46
N LEU A 211 -13.41 13.90 28.26
CA LEU A 211 -12.16 14.31 27.63
C LEU A 211 -12.07 13.76 26.21
N ASN A 212 -13.02 12.95 25.73
CA ASN A 212 -12.81 12.25 24.47
C ASN A 212 -12.46 13.26 23.38
N VAL A 213 -13.31 14.29 23.25
CA VAL A 213 -13.13 15.30 22.23
C VAL A 213 -11.80 16.01 22.44
N ILE A 214 -11.45 16.31 23.69
CA ILE A 214 -10.20 16.96 24.01
C ILE A 214 -9.04 16.02 23.67
N TYR A 215 -9.19 14.72 23.98
CA TYR A 215 -8.18 13.75 23.58
C TYR A 215 -8.03 13.78 22.05
N ASN A 216 -9.14 13.68 21.31
CA ASN A 216 -8.99 13.54 19.85
C ASN A 216 -8.34 14.78 19.23
N ILE A 217 -8.70 16.01 19.67
CA ILE A 217 -8.10 17.21 19.10
C ILE A 217 -6.64 17.32 19.54
N GLY A 218 -6.42 17.20 20.86
CA GLY A 218 -5.06 17.28 21.41
C GLY A 218 -4.12 16.29 20.71
N ASP A 219 -4.55 15.02 20.61
CA ASP A 219 -3.69 13.99 20.05
C ASP A 219 -3.15 14.47 18.71
N ALA A 220 -4.07 14.83 17.81
CA ALA A 220 -3.73 15.23 16.46
C ALA A 220 -2.83 16.46 16.47
N ILE A 221 -3.19 17.46 17.30
CA ILE A 221 -2.35 18.65 17.41
C ILE A 221 -0.96 18.21 17.83
N ASN A 222 -0.86 17.53 18.98
CA ASN A 222 0.43 17.18 19.54
C ASN A 222 1.30 16.53 18.47
N LYS A 223 0.82 15.43 17.88
CA LYS A 223 1.63 14.64 16.95
C LYS A 223 1.91 15.33 15.62
N ILE A 224 0.88 15.95 15.03
CA ILE A 224 1.10 16.70 13.80
C ILE A 224 2.02 17.89 14.07
N GLY A 225 1.87 18.48 15.27
CA GLY A 225 2.73 19.56 15.69
C GLY A 225 4.20 19.16 15.69
N PHE A 226 4.49 18.11 16.43
CA PHE A 226 5.85 17.61 16.47
C PHE A 226 6.39 17.49 15.05
N GLY A 227 5.69 16.66 14.26
CA GLY A 227 6.05 16.47 12.86
C GLY A 227 6.40 17.76 12.13
N LEU A 228 5.46 18.75 12.16
CA LEU A 228 5.63 20.02 11.49
C LEU A 228 6.88 20.75 12.00
N VAL A 229 7.22 20.54 13.27
CA VAL A 229 8.40 21.23 13.77
C VAL A 229 9.64 20.57 13.14
N ILE A 230 9.78 19.26 13.30
CA ILE A 230 10.95 18.60 12.74
C ILE A 230 11.06 18.94 11.25
N TYR A 231 9.97 18.83 10.49
CA TYR A 231 9.96 19.20 9.08
C TYR A 231 10.41 20.65 8.85
N ASN A 232 9.96 21.58 9.71
CA ASN A 232 10.34 22.97 9.60
C ASN A 232 11.85 23.10 9.80
N LEU A 233 12.41 22.25 10.67
CA LEU A 233 13.81 22.33 10.99
C LEU A 233 14.61 21.90 9.76
N ALA A 234 14.14 20.84 9.11
CA ALA A 234 14.78 20.35 7.90
C ALA A 234 14.72 21.38 6.77
N VAL A 235 13.60 22.08 6.64
CA VAL A 235 13.38 23.07 5.60
C VAL A 235 14.36 24.23 5.76
N GLN A 236 14.48 24.73 7.00
CA GLN A 236 15.32 25.91 7.16
C GLN A 236 16.79 25.52 7.29
N ALA A 237 17.10 24.22 7.22
CA ALA A 237 18.47 23.76 7.24
C ALA A 237 19.00 23.52 5.82
N THR A 238 18.12 23.45 4.80
CA THR A 238 18.58 23.22 3.43
C THR A 238 18.85 24.53 2.70
N ASN A 239 18.05 25.55 3.00
CA ASN A 239 18.17 26.85 2.35
C ASN A 239 19.36 27.58 2.99
N LYS A 240 20.54 27.31 2.42
CA LYS A 240 21.78 27.92 2.89
C LYS A 240 22.11 29.17 2.05
N VAL B 11 -27.79 -2.63 -0.68
CA VAL B 11 -26.44 -2.88 -1.30
C VAL B 11 -26.59 -3.10 -2.81
N ARG B 12 -27.79 -3.49 -3.25
CA ARG B 12 -28.07 -3.68 -4.67
C ARG B 12 -27.98 -2.34 -5.39
N LEU B 13 -27.38 -2.34 -6.59
CA LEU B 13 -27.23 -1.12 -7.37
C LEU B 13 -28.46 -0.91 -8.25
N ALA B 14 -28.77 0.36 -8.49
CA ALA B 14 -29.87 0.74 -9.37
C ALA B 14 -29.30 1.59 -10.49
N ALA B 15 -29.90 1.49 -11.68
CA ALA B 15 -29.43 2.22 -12.85
C ALA B 15 -29.72 3.72 -12.70
N ASP B 16 -30.81 4.06 -11.99
CA ASP B 16 -31.27 5.43 -11.89
C ASP B 16 -30.62 6.16 -10.71
N ASP B 17 -29.79 5.46 -9.94
CA ASP B 17 -29.12 6.04 -8.78
C ASP B 17 -27.92 6.87 -9.25
N TYR B 18 -28.19 8.12 -9.61
CA TYR B 18 -27.17 9.00 -10.17
C TYR B 18 -26.24 9.51 -9.08
N VAL B 19 -26.74 9.56 -7.84
CA VAL B 19 -25.90 9.90 -6.71
C VAL B 19 -24.86 8.79 -6.56
N GLY B 20 -25.34 7.53 -6.51
CA GLY B 20 -24.45 6.39 -6.42
C GLY B 20 -23.33 6.53 -7.42
N PHE B 21 -23.71 6.75 -8.68
CA PHE B 21 -22.76 6.74 -9.76
C PHE B 21 -21.68 7.79 -9.49
N THR B 22 -22.09 8.94 -8.97
CA THR B 22 -21.18 10.07 -8.89
C THR B 22 -20.24 9.84 -7.72
N PHE B 23 -20.69 9.14 -6.69
CA PHE B 23 -19.79 8.74 -5.62
C PHE B 23 -18.70 7.81 -6.17
N PHE B 24 -19.11 6.76 -6.90
CA PHE B 24 -18.16 5.79 -7.42
C PHE B 24 -17.18 6.42 -8.40
N VAL B 25 -17.65 7.36 -9.21
CA VAL B 25 -16.76 7.99 -10.17
C VAL B 25 -15.78 8.84 -9.40
N GLY B 26 -16.32 9.68 -8.48
CA GLY B 26 -15.53 10.62 -7.71
C GLY B 26 -14.46 9.88 -6.91
N CYS B 27 -14.90 8.86 -6.18
CA CYS B 27 -13.95 8.06 -5.41
C CYS B 27 -12.83 7.52 -6.29
N MET B 28 -13.18 6.99 -7.49
CA MET B 28 -12.20 6.36 -8.38
C MET B 28 -11.26 7.41 -8.98
N ALA B 29 -11.84 8.55 -9.41
CA ALA B 29 -11.07 9.61 -10.03
C ALA B 29 -10.13 10.25 -9.01
N MET B 30 -10.58 10.38 -7.76
CA MET B 30 -9.71 10.95 -6.73
C MET B 30 -8.56 9.96 -6.45
N MET B 31 -8.88 8.68 -6.29
CA MET B 31 -7.82 7.69 -6.08
C MET B 31 -6.78 7.69 -7.20
N ALA B 32 -7.24 7.86 -8.46
CA ALA B 32 -6.34 7.89 -9.60
C ALA B 32 -5.42 9.11 -9.58
N ALA B 33 -6.04 10.29 -9.47
CA ALA B 33 -5.31 11.54 -9.28
C ALA B 33 -4.30 11.41 -8.12
N SER B 34 -4.72 10.93 -6.96
CA SER B 34 -3.78 10.84 -5.82
C SER B 34 -2.52 10.07 -6.19
N ALA B 35 -2.74 8.94 -6.91
CA ALA B 35 -1.66 8.12 -7.42
C ALA B 35 -0.82 8.91 -8.40
N PHE B 36 -1.50 9.73 -9.22
CA PHE B 36 -0.87 10.38 -10.36
C PHE B 36 0.12 11.43 -9.87
N PHE B 37 -0.25 12.18 -8.83
CA PHE B 37 0.63 13.18 -8.25
C PHE B 37 1.72 12.52 -7.38
N PHE B 38 1.35 11.53 -6.56
CA PHE B 38 2.38 10.83 -5.79
C PHE B 38 3.46 10.25 -6.70
N LEU B 39 3.07 9.67 -7.85
CA LEU B 39 4.03 8.99 -8.70
C LEU B 39 4.74 9.98 -9.62
N SER B 40 4.17 11.17 -9.82
CA SER B 40 4.79 12.15 -10.68
C SER B 40 5.75 13.03 -9.90
N MET B 41 5.59 13.03 -8.57
CA MET B 41 6.33 13.90 -7.68
C MET B 41 7.81 13.87 -8.05
N SER B 42 8.33 12.68 -8.36
CA SER B 42 9.75 12.46 -8.62
C SER B 42 10.21 13.02 -9.96
N SER B 43 9.28 13.44 -10.82
CA SER B 43 9.59 13.86 -12.18
C SER B 43 9.90 15.37 -12.27
N PHE B 44 10.18 16.02 -11.13
CA PHE B 44 10.32 17.47 -11.11
C PHE B 44 11.54 17.85 -10.28
N GLU B 45 12.00 19.10 -10.47
CA GLU B 45 13.08 19.66 -9.66
C GLU B 45 12.56 19.82 -8.23
N ARG B 46 13.48 20.00 -7.27
CA ARG B 46 13.19 19.74 -5.87
C ARG B 46 12.09 20.66 -5.33
N LYS B 47 12.04 21.92 -5.82
CA LYS B 47 11.21 22.93 -5.17
C LYS B 47 9.75 22.82 -5.60
N TRP B 48 9.46 22.25 -6.77
CA TRP B 48 8.09 21.96 -7.17
C TRP B 48 7.52 20.77 -6.39
N ARG B 49 8.33 19.76 -6.08
CA ARG B 49 7.85 18.54 -5.43
C ARG B 49 6.80 18.82 -4.36
N THR B 50 7.11 19.73 -3.43
CA THR B 50 6.23 19.92 -2.29
C THR B 50 4.85 20.33 -2.79
N SER B 51 4.81 21.18 -3.81
CA SER B 51 3.54 21.68 -4.32
C SER B 51 2.72 20.53 -4.90
N ILE B 52 3.38 19.62 -5.61
CA ILE B 52 2.69 18.47 -6.14
C ILE B 52 2.23 17.66 -4.93
N LEU B 53 3.18 17.24 -4.07
CA LEU B 53 2.90 16.37 -2.95
C LEU B 53 1.60 16.79 -2.31
N VAL B 54 1.51 18.08 -1.89
CA VAL B 54 0.34 18.60 -1.21
C VAL B 54 -0.91 18.45 -2.06
N SER B 55 -0.81 18.70 -3.37
CA SER B 55 -1.97 18.50 -4.22
C SER B 55 -2.44 17.05 -4.12
N GLY B 56 -1.49 16.12 -4.29
CA GLY B 56 -1.81 14.74 -4.04
C GLY B 56 -2.49 14.52 -2.68
N LEU B 57 -1.83 14.91 -1.58
CA LEU B 57 -2.48 14.79 -0.29
C LEU B 57 -3.95 15.19 -0.34
N ILE B 58 -4.24 16.40 -0.89
CA ILE B 58 -5.61 16.85 -1.06
C ILE B 58 -6.46 15.80 -1.76
N THR B 59 -6.05 15.33 -2.95
CA THR B 59 -6.86 14.29 -3.57
C THR B 59 -6.91 13.07 -2.66
N PHE B 60 -5.78 12.75 -2.01
CA PHE B 60 -5.75 11.53 -1.19
C PHE B 60 -6.79 11.56 -0.08
N ILE B 61 -6.82 12.66 0.71
CA ILE B 61 -7.79 12.75 1.78
C ILE B 61 -9.20 12.59 1.22
N ALA B 62 -9.53 13.36 0.17
CA ALA B 62 -10.80 13.21 -0.54
C ALA B 62 -11.04 11.75 -0.98
N ALA B 63 -10.11 11.12 -1.73
CA ALA B 63 -10.36 9.71 -2.09
C ALA B 63 -10.78 8.86 -0.91
N VAL B 64 -10.05 8.97 0.23
CA VAL B 64 -10.35 8.13 1.39
C VAL B 64 -11.71 8.49 1.97
N HIS B 65 -12.04 9.80 2.08
CA HIS B 65 -13.34 10.16 2.59
C HIS B 65 -14.41 9.74 1.58
N TYR B 66 -14.19 9.99 0.29
CA TYR B 66 -15.19 9.62 -0.70
C TYR B 66 -15.52 8.12 -0.63
N TRP B 67 -14.48 7.29 -0.43
CA TRP B 67 -14.65 5.85 -0.31
C TRP B 67 -15.63 5.54 0.82
N TYR B 68 -15.44 6.22 1.97
CA TYR B 68 -16.31 6.06 3.12
C TYR B 68 -17.72 6.50 2.73
N MET B 69 -17.84 7.70 2.19
CA MET B 69 -19.18 8.19 1.87
C MET B 69 -19.83 7.25 0.87
N ARG B 70 -19.11 6.88 -0.20
CA ARG B 70 -19.59 5.91 -1.19
C ARG B 70 -20.22 4.68 -0.55
N ASP B 71 -19.59 4.15 0.51
CA ASP B 71 -20.13 2.96 1.15
C ASP B 71 -21.40 3.34 1.93
N TYR B 72 -21.36 4.51 2.57
CA TYR B 72 -22.44 4.89 3.46
C TYR B 72 -23.70 5.03 2.61
N TRP B 73 -23.60 5.79 1.52
CA TRP B 73 -24.73 5.99 0.62
C TRP B 73 -25.28 4.67 0.11
N SER B 74 -24.40 3.72 -0.21
CA SER B 74 -24.85 2.40 -0.64
C SER B 74 -25.59 1.70 0.50
N GLY B 75 -25.24 2.02 1.75
CA GLY B 75 -25.87 1.40 2.91
C GLY B 75 -27.24 2.01 3.19
N PHE B 76 -27.28 3.32 3.43
CA PHE B 76 -28.43 3.98 4.02
C PHE B 76 -29.10 4.95 3.03
N ALA B 77 -28.50 5.14 1.85
CA ALA B 77 -29.08 5.98 0.82
C ALA B 77 -29.35 7.38 1.37
N GLU B 78 -28.38 7.91 2.13
CA GLU B 78 -28.43 9.28 2.59
C GLU B 78 -27.03 9.75 2.97
N SER B 79 -26.61 10.89 2.42
CA SER B 79 -25.30 11.46 2.67
C SER B 79 -25.44 12.77 3.43
N PRO B 80 -25.40 12.77 4.79
CA PRO B 80 -25.55 14.00 5.55
C PRO B 80 -24.46 15.02 5.27
N VAL B 81 -24.84 16.28 5.13
CA VAL B 81 -23.97 17.29 4.57
C VAL B 81 -22.82 17.56 5.53
N PHE B 82 -23.10 17.54 6.83
CA PHE B 82 -22.11 17.84 7.85
C PHE B 82 -20.93 16.88 7.74
N PHE B 83 -21.20 15.63 7.32
CA PHE B 83 -20.17 14.61 7.20
C PHE B 83 -19.12 15.03 6.16
N ARG B 84 -19.54 15.75 5.12
CA ARG B 84 -18.58 16.22 4.14
C ARG B 84 -17.53 17.08 4.81
N TYR B 85 -17.88 17.73 5.94
CA TYR B 85 -17.01 18.72 6.55
C TYR B 85 -15.71 18.06 7.00
N VAL B 86 -15.83 16.78 7.42
CA VAL B 86 -14.69 15.92 7.72
C VAL B 86 -13.58 16.11 6.68
N ASP B 87 -13.96 16.12 5.41
CA ASP B 87 -13.00 16.33 4.34
C ASP B 87 -12.65 17.81 4.23
N TRP B 88 -13.67 18.68 4.09
CA TRP B 88 -13.44 20.09 3.79
C TRP B 88 -12.54 20.78 4.79
N VAL B 89 -12.76 20.52 6.08
CA VAL B 89 -11.96 21.20 7.10
C VAL B 89 -10.47 20.91 6.90
N LEU B 90 -10.13 19.74 6.32
CA LEU B 90 -8.75 19.37 6.07
C LEU B 90 -8.26 19.95 4.74
N THR B 91 -9.08 19.88 3.69
CA THR B 91 -8.60 20.12 2.34
C THR B 91 -8.58 21.60 2.02
N VAL B 92 -9.65 22.31 2.37
CA VAL B 92 -9.78 23.73 2.03
C VAL B 92 -8.54 24.51 2.49
N PRO B 93 -8.02 24.30 3.71
CA PRO B 93 -6.75 24.89 4.10
C PRO B 93 -5.58 24.53 3.20
N LEU B 94 -5.47 23.27 2.77
CA LEU B 94 -4.34 22.87 1.96
C LEU B 94 -4.33 23.65 0.65
N MET B 95 -5.50 23.76 0.02
CA MET B 95 -5.65 24.54 -1.20
C MET B 95 -5.15 25.97 -1.00
N CYS B 96 -5.50 26.59 0.14
CA CYS B 96 -4.98 27.88 0.51
C CYS B 96 -3.45 27.85 0.55
N VAL B 97 -2.89 26.77 1.12
CA VAL B 97 -1.45 26.65 1.22
C VAL B 97 -0.87 26.68 -0.19
N GLU B 98 -1.62 26.10 -1.14
CA GLU B 98 -1.21 26.06 -2.54
C GLU B 98 -0.98 27.46 -3.12
N PHE B 99 -1.62 28.50 -2.55
CA PHE B 99 -1.32 29.87 -2.92
C PHE B 99 0.11 30.21 -2.53
N TYR B 100 0.55 29.72 -1.37
CA TYR B 100 1.85 30.12 -0.84
C TYR B 100 2.95 29.47 -1.66
N LEU B 101 2.72 28.20 -2.06
CA LEU B 101 3.74 27.38 -2.66
C LEU B 101 4.01 27.83 -4.09
N ILE B 102 3.04 28.46 -4.75
CA ILE B 102 3.23 28.94 -6.10
C ILE B 102 3.94 30.30 -6.10
N LEU B 103 3.74 31.12 -5.06
CA LEU B 103 4.32 32.46 -5.01
C LEU B 103 5.57 32.47 -4.11
N LYS B 104 6.07 31.27 -3.79
CA LYS B 104 7.34 31.16 -3.10
C LYS B 104 8.49 31.61 -3.99
N VAL B 105 8.35 31.56 -5.33
CA VAL B 105 9.36 32.08 -6.24
C VAL B 105 9.62 33.58 -6.01
N ALA B 106 8.54 34.35 -5.88
CA ALA B 106 8.64 35.80 -5.80
C ALA B 106 8.86 36.26 -4.36
N GLY B 107 8.67 35.34 -3.41
CA GLY B 107 8.92 35.65 -2.00
C GLY B 107 7.67 36.03 -1.19
N ALA B 108 6.87 35.02 -0.80
CA ALA B 108 5.77 35.24 0.12
C ALA B 108 6.25 35.06 1.56
N LYS B 109 5.54 35.71 2.50
CA LYS B 109 5.87 35.71 3.91
C LYS B 109 4.92 34.77 4.67
N LYS B 110 5.46 34.06 5.68
CA LYS B 110 4.69 33.10 6.45
C LYS B 110 3.44 33.74 7.05
N SER B 111 3.49 35.07 7.26
CA SER B 111 2.33 35.80 7.76
C SER B 111 1.12 35.54 6.87
N LEU B 112 1.36 35.53 5.56
CA LEU B 112 0.31 35.29 4.58
C LEU B 112 -0.20 33.86 4.72
N MET B 113 0.73 32.92 4.87
CA MET B 113 0.41 31.52 5.08
C MET B 113 -0.58 31.37 6.25
N TRP B 114 -0.12 31.86 7.40
CA TRP B 114 -0.89 31.79 8.63
C TRP B 114 -2.27 32.42 8.44
N LYS B 115 -2.30 33.60 7.83
CA LYS B 115 -3.56 34.27 7.57
C LYS B 115 -4.47 33.32 6.81
N LEU B 116 -4.02 32.84 5.65
CA LEU B 116 -4.83 31.98 4.82
C LEU B 116 -5.38 30.81 5.66
N ILE B 117 -4.48 30.06 6.33
CA ILE B 117 -4.94 28.91 7.09
C ILE B 117 -6.03 29.34 8.07
N PHE B 118 -5.72 30.38 8.88
CA PHE B 118 -6.64 30.96 9.84
C PHE B 118 -7.99 31.20 9.18
N LEU B 119 -7.99 31.96 8.08
CA LEU B 119 -9.25 32.29 7.45
C LEU B 119 -9.99 31.01 7.10
N SER B 120 -9.32 30.11 6.36
CA SER B 120 -9.94 28.88 5.88
C SER B 120 -10.50 28.03 7.03
N VAL B 121 -9.70 27.85 8.09
CA VAL B 121 -10.20 27.10 9.22
C VAL B 121 -11.43 27.79 9.81
N VAL B 122 -11.36 29.12 10.04
CA VAL B 122 -12.48 29.79 10.68
C VAL B 122 -13.70 29.52 9.80
N MET B 123 -13.55 29.83 8.52
CA MET B 123 -14.65 29.62 7.58
C MET B 123 -15.30 28.24 7.76
N LEU B 124 -14.47 27.18 7.75
CA LEU B 124 -15.00 25.81 7.83
C LEU B 124 -15.59 25.48 9.20
N VAL B 125 -14.95 25.94 10.30
CA VAL B 125 -15.50 25.73 11.63
C VAL B 125 -16.84 26.46 11.76
N THR B 126 -16.88 27.74 11.36
CA THR B 126 -18.13 28.48 11.44
C THR B 126 -19.21 27.74 10.67
N GLY B 127 -18.85 27.29 9.45
CA GLY B 127 -19.73 26.44 8.65
C GLY B 127 -20.28 25.27 9.45
N TYR B 128 -19.37 24.53 10.10
CA TYR B 128 -19.71 23.33 10.86
C TYR B 128 -20.62 23.67 12.03
N PHE B 129 -20.37 24.82 12.69
CA PHE B 129 -21.22 25.27 13.80
C PHE B 129 -22.62 25.59 13.26
N GLY B 130 -22.67 26.35 12.16
CA GLY B 130 -23.94 26.66 11.54
C GLY B 130 -24.77 25.42 11.20
N GLU B 131 -24.10 24.33 10.79
CA GLU B 131 -24.77 23.17 10.21
C GLU B 131 -24.98 22.03 11.21
N ALA B 132 -24.26 22.03 12.35
CA ALA B 132 -24.25 20.90 13.26
C ALA B 132 -24.85 21.25 14.63
N VAL B 133 -24.29 22.26 15.30
CA VAL B 133 -24.60 22.48 16.71
C VAL B 133 -25.87 23.32 16.87
N ASP B 134 -25.92 24.45 16.17
CA ASP B 134 -27.01 25.41 16.35
C ASP B 134 -27.49 25.85 14.99
N ARG B 135 -28.62 25.26 14.57
CA ARG B 135 -29.26 25.58 13.31
C ARG B 135 -30.20 26.78 13.47
N GLY B 136 -30.69 27.01 14.69
CA GLY B 136 -31.42 28.23 15.00
C GLY B 136 -30.58 29.48 14.78
N ASN B 137 -29.28 29.39 15.09
CA ASN B 137 -28.33 30.49 15.03
C ASN B 137 -27.50 30.41 13.73
N ALA B 138 -27.99 29.65 12.75
CA ALA B 138 -27.17 29.25 11.61
C ALA B 138 -26.81 30.44 10.74
N TRP B 139 -27.71 31.41 10.66
CA TRP B 139 -27.56 32.50 9.71
C TRP B 139 -26.40 33.38 10.13
N LEU B 140 -26.19 33.55 11.44
CA LEU B 140 -25.08 34.36 11.94
C LEU B 140 -23.77 33.68 11.60
N TRP B 141 -23.69 32.38 11.90
CA TRP B 141 -22.53 31.59 11.55
C TRP B 141 -22.24 31.69 10.06
N GLY B 142 -23.29 31.46 9.25
CA GLY B 142 -23.23 31.75 7.83
C GLY B 142 -22.51 33.07 7.57
N LEU B 143 -23.00 34.14 8.23
CA LEU B 143 -22.52 35.49 8.03
C LEU B 143 -21.02 35.54 8.27
N PHE B 144 -20.62 35.03 9.44
CA PHE B 144 -19.20 34.95 9.78
C PHE B 144 -18.40 34.17 8.73
N SER B 145 -18.87 32.97 8.37
CA SER B 145 -18.20 32.19 7.34
C SER B 145 -18.11 33.00 6.04
N GLY B 146 -19.26 33.60 5.65
CA GLY B 146 -19.32 34.43 4.46
C GLY B 146 -18.17 35.45 4.47
N VAL B 147 -17.99 36.07 5.64
CA VAL B 147 -17.05 37.17 5.74
C VAL B 147 -15.65 36.61 5.51
N ALA B 148 -15.39 35.45 6.13
CA ALA B 148 -14.12 34.75 5.94
C ALA B 148 -13.91 34.36 4.47
N TYR B 149 -14.96 33.87 3.82
CA TYR B 149 -14.84 33.61 2.39
C TYR B 149 -14.44 34.87 1.62
N PHE B 150 -15.22 35.96 1.80
CA PHE B 150 -15.03 37.19 1.04
C PHE B 150 -13.60 37.67 1.21
N TRP B 151 -13.15 37.63 2.47
CA TRP B 151 -11.81 38.09 2.81
C TRP B 151 -10.81 37.32 1.95
N ILE B 152 -10.99 35.99 1.87
CA ILE B 152 -10.09 35.14 1.13
C ILE B 152 -10.15 35.49 -0.36
N VAL B 153 -11.35 35.52 -0.91
CA VAL B 153 -11.49 35.95 -2.31
C VAL B 153 -10.90 37.35 -2.55
N ILE B 154 -11.08 38.35 -1.64
CA ILE B 154 -10.55 39.67 -1.92
C ILE B 154 -9.03 39.67 -1.78
N GLU B 155 -8.53 38.89 -0.82
CA GLU B 155 -7.08 38.78 -0.65
C GLU B 155 -6.46 38.30 -1.96
N ILE B 156 -7.03 37.25 -2.55
CA ILE B 156 -6.38 36.58 -3.66
C ILE B 156 -6.59 37.38 -4.96
N TRP B 157 -7.70 38.10 -5.06
CA TRP B 157 -7.99 38.87 -6.26
C TRP B 157 -7.27 40.22 -6.29
N PHE B 158 -7.36 40.99 -5.18
CA PHE B 158 -6.85 42.35 -5.17
C PHE B 158 -5.83 42.58 -4.05
N GLY B 159 -5.56 41.56 -3.23
CA GLY B 159 -4.69 41.72 -2.07
C GLY B 159 -3.22 41.52 -2.44
N LYS B 160 -2.42 41.18 -1.42
CA LYS B 160 -0.97 41.07 -1.55
C LYS B 160 -0.60 39.93 -2.50
N ALA B 161 -1.40 38.86 -2.51
CA ALA B 161 -1.13 37.68 -3.33
C ALA B 161 -1.09 38.04 -4.81
N LYS B 162 -2.01 38.90 -5.26
CA LYS B 162 -2.05 39.30 -6.65
C LYS B 162 -0.83 40.16 -6.98
N LYS B 163 -0.45 41.04 -6.05
CA LYS B 163 0.66 41.95 -6.28
C LYS B 163 1.95 41.14 -6.43
N LEU B 164 2.10 40.09 -5.60
CA LEU B 164 3.25 39.20 -5.64
C LEU B 164 3.27 38.44 -6.96
N ALA B 165 2.09 38.02 -7.44
CA ALA B 165 1.97 37.27 -8.66
C ALA B 165 2.34 38.14 -9.87
N VAL B 166 1.89 39.41 -9.86
CA VAL B 166 2.14 40.32 -10.95
C VAL B 166 3.63 40.68 -11.00
N ALA B 167 4.24 40.83 -9.82
CA ALA B 167 5.67 41.09 -9.72
C ALA B 167 6.46 39.95 -10.36
N ALA B 168 6.07 38.71 -10.02
CA ALA B 168 6.70 37.51 -10.55
C ALA B 168 6.46 37.44 -12.05
N GLY B 169 5.20 37.57 -12.46
CA GLY B 169 4.79 37.51 -13.85
C GLY B 169 5.09 36.16 -14.51
N GLY B 170 4.58 35.98 -15.73
CA GLY B 170 4.82 34.79 -16.52
C GLY B 170 3.79 33.69 -16.20
N ASP B 171 4.23 32.44 -16.39
CA ASP B 171 3.40 31.26 -16.20
C ASP B 171 2.90 31.17 -14.75
N VAL B 172 3.74 31.61 -13.80
CA VAL B 172 3.40 31.65 -12.38
C VAL B 172 2.16 32.52 -12.17
N LEU B 173 2.08 33.64 -12.90
CA LEU B 173 0.93 34.53 -12.82
C LEU B 173 -0.30 33.78 -13.35
N ALA B 174 -0.17 33.21 -14.56
CA ALA B 174 -1.30 32.63 -15.24
C ALA B 174 -2.03 31.64 -14.33
N ALA B 175 -1.28 30.60 -13.91
CA ALA B 175 -1.77 29.57 -13.01
C ALA B 175 -2.46 30.13 -11.76
N HIS B 176 -1.89 31.22 -11.20
CA HIS B 176 -2.56 31.97 -10.15
C HIS B 176 -3.97 32.34 -10.59
N LYS B 177 -4.11 32.97 -11.76
CA LYS B 177 -5.43 33.52 -12.05
C LYS B 177 -6.42 32.37 -11.98
N THR B 178 -6.07 31.28 -12.66
CA THR B 178 -7.00 30.16 -12.83
C THR B 178 -7.45 29.59 -11.49
N LEU B 179 -6.50 29.49 -10.55
CA LEU B 179 -6.82 29.26 -9.15
C LEU B 179 -7.90 30.24 -8.65
N CYS B 180 -7.72 31.55 -8.92
CA CYS B 180 -8.69 32.53 -8.42
C CYS B 180 -10.06 32.23 -9.03
N TRP B 181 -10.07 31.79 -10.30
CA TRP B 181 -11.34 31.44 -10.91
C TRP B 181 -11.98 30.26 -10.18
N PHE B 182 -11.19 29.19 -10.00
CA PHE B 182 -11.59 28.03 -9.19
C PHE B 182 -12.10 28.44 -7.80
N VAL B 183 -11.37 29.31 -7.10
CA VAL B 183 -11.93 29.83 -5.86
C VAL B 183 -13.24 30.60 -6.13
N LEU B 184 -13.23 31.52 -7.11
CA LEU B 184 -14.39 32.41 -7.29
C LEU B 184 -15.61 31.61 -7.73
N VAL B 185 -15.44 30.77 -8.76
CA VAL B 185 -16.57 30.12 -9.40
C VAL B 185 -16.75 28.73 -8.80
N GLY B 186 -15.64 27.99 -8.70
CA GLY B 186 -15.71 26.62 -8.25
C GLY B 186 -16.27 26.51 -6.85
N TRP B 187 -15.75 27.33 -5.92
CA TRP B 187 -16.18 27.22 -4.52
C TRP B 187 -17.60 27.71 -4.29
N ALA B 188 -18.10 28.61 -5.15
CA ALA B 188 -19.36 29.32 -4.95
C ALA B 188 -20.53 28.37 -4.64
N ILE B 189 -20.44 27.12 -5.11
CA ILE B 189 -21.50 26.14 -4.95
C ILE B 189 -21.65 25.76 -3.48
N TYR B 190 -20.61 25.93 -2.67
CA TYR B 190 -20.69 25.47 -1.28
C TYR B 190 -21.56 26.41 -0.45
N PRO B 191 -21.30 27.74 -0.39
CA PRO B 191 -22.24 28.69 0.23
C PRO B 191 -23.69 28.52 -0.19
N ILE B 192 -23.92 28.26 -1.49
CA ILE B 192 -25.26 28.07 -1.99
C ILE B 192 -25.91 26.88 -1.30
N GLY B 193 -25.18 25.76 -1.22
CA GLY B 193 -25.74 24.54 -0.64
C GLY B 193 -26.17 24.76 0.82
N TYR B 194 -25.38 25.55 1.55
CA TYR B 194 -25.75 25.95 2.90
C TYR B 194 -27.15 26.56 2.91
N MET B 195 -27.40 27.49 1.98
CA MET B 195 -28.66 28.20 1.91
C MET B 195 -29.81 27.20 1.75
N ALA B 196 -29.57 26.16 0.95
CA ALA B 196 -30.58 25.15 0.66
C ALA B 196 -30.71 24.16 1.82
N GLY B 197 -29.76 24.19 2.77
CA GLY B 197 -29.69 23.21 3.83
C GLY B 197 -30.33 23.68 5.13
N THR B 198 -30.20 24.98 5.44
CA THR B 198 -30.55 25.50 6.75
C THR B 198 -31.71 26.48 6.61
N PRO B 199 -32.61 26.60 7.63
CA PRO B 199 -33.60 27.66 7.64
C PRO B 199 -33.00 29.03 7.92
N GLY B 200 -33.69 30.08 7.46
CA GLY B 200 -33.21 31.45 7.61
C GLY B 200 -33.95 32.40 6.67
N TRP B 201 -33.23 33.43 6.20
CA TRP B 201 -33.81 34.43 5.31
C TRP B 201 -33.54 34.09 3.84
N TYR B 202 -32.83 32.98 3.60
CA TYR B 202 -32.38 32.61 2.26
C TYR B 202 -33.06 31.32 1.81
N ASP B 203 -34.06 30.85 2.56
CA ASP B 203 -34.80 29.66 2.20
C ASP B 203 -35.58 29.90 0.90
N SER B 204 -36.22 31.06 0.80
CA SER B 204 -36.98 31.45 -0.38
C SER B 204 -36.13 31.37 -1.65
N ILE B 205 -35.00 32.08 -1.65
CA ILE B 205 -34.12 32.17 -2.81
C ILE B 205 -33.62 30.77 -3.17
N PHE B 206 -32.94 30.13 -2.21
CA PHE B 206 -32.46 28.75 -2.37
C PHE B 206 -33.08 27.87 -1.29
N GLY B 207 -33.98 26.96 -1.69
CA GLY B 207 -34.61 26.08 -0.72
C GLY B 207 -35.12 24.80 -1.36
N GLY B 208 -34.83 23.65 -0.72
CA GLY B 208 -35.30 22.36 -1.17
C GLY B 208 -34.42 21.76 -2.27
N TRP B 209 -33.33 22.44 -2.64
CA TRP B 209 -32.46 21.96 -3.70
C TRP B 209 -31.64 20.77 -3.22
N ASP B 210 -31.52 19.75 -4.09
CA ASP B 210 -30.68 18.60 -3.81
C ASP B 210 -29.32 18.83 -4.46
N LEU B 211 -28.26 18.93 -3.64
CA LEU B 211 -26.95 19.26 -4.14
C LEU B 211 -26.04 18.02 -4.21
N ASN B 212 -26.48 16.83 -3.77
CA ASN B 212 -25.54 15.72 -3.64
C ASN B 212 -24.75 15.53 -4.93
N VAL B 213 -25.48 15.42 -6.04
CA VAL B 213 -24.86 15.16 -7.35
C VAL B 213 -23.90 16.31 -7.67
N ILE B 214 -24.35 17.54 -7.40
CA ILE B 214 -23.55 18.72 -7.66
C ILE B 214 -22.33 18.72 -6.74
N TYR B 215 -22.51 18.34 -5.46
CA TYR B 215 -21.38 18.16 -4.56
C TYR B 215 -20.40 17.16 -5.17
N ASN B 216 -20.87 15.95 -5.55
CA ASN B 216 -19.92 14.92 -5.98
C ASN B 216 -19.13 15.37 -7.21
N ILE B 217 -19.80 16.00 -8.21
CA ILE B 217 -19.07 16.41 -9.41
C ILE B 217 -18.15 17.58 -9.10
N GLY B 218 -18.71 18.61 -8.46
CA GLY B 218 -17.95 19.79 -8.08
C GLY B 218 -16.69 19.43 -7.29
N ASP B 219 -16.86 18.62 -6.25
CA ASP B 219 -15.72 18.27 -5.39
C ASP B 219 -14.55 17.80 -6.24
N ALA B 220 -14.83 16.79 -7.07
CA ALA B 220 -13.81 16.18 -7.92
C ALA B 220 -13.22 17.18 -8.89
N ILE B 221 -14.09 17.99 -9.53
CA ILE B 221 -13.60 19.04 -10.42
C ILE B 221 -12.64 19.93 -9.64
N ASN B 222 -13.15 20.52 -8.55
CA ASN B 222 -12.37 21.51 -7.82
C ASN B 222 -10.97 20.95 -7.52
N LYS B 223 -10.90 19.79 -6.86
CA LYS B 223 -9.63 19.28 -6.38
C LYS B 223 -8.72 18.70 -7.47
N ILE B 224 -9.30 17.95 -8.42
CA ILE B 224 -8.52 17.49 -9.56
C ILE B 224 -8.06 18.69 -10.39
N GLY B 225 -8.92 19.74 -10.46
CA GLY B 225 -8.58 20.96 -11.17
C GLY B 225 -7.33 21.62 -10.61
N PHE B 226 -7.37 21.88 -9.29
CA PHE B 226 -6.20 22.45 -8.66
C PHE B 226 -4.97 21.66 -9.07
N GLY B 227 -5.01 20.35 -8.76
CA GLY B 227 -3.93 19.46 -9.12
C GLY B 227 -3.39 19.65 -10.52
N LEU B 228 -4.29 19.57 -11.53
CA LEU B 228 -3.91 19.71 -12.92
C LEU B 228 -3.26 21.07 -13.21
N VAL B 229 -3.69 22.08 -12.44
CA VAL B 229 -3.06 23.38 -12.62
C VAL B 229 -1.62 23.29 -12.12
N ILE B 230 -1.45 22.95 -10.85
CA ILE B 230 -0.10 22.93 -10.29
C ILE B 230 0.81 22.09 -11.19
N TYR B 231 0.35 20.88 -11.58
CA TYR B 231 1.13 20.05 -12.49
C TYR B 231 1.47 20.72 -13.81
N ASN B 232 0.49 21.45 -14.38
CA ASN B 232 0.72 22.19 -15.61
C ASN B 232 1.79 23.25 -15.39
N LEU B 233 1.83 23.83 -14.18
CA LEU B 233 2.76 24.90 -13.90
C LEU B 233 4.15 24.30 -13.85
N ALA B 234 4.27 23.13 -13.24
CA ALA B 234 5.56 22.48 -13.09
C ALA B 234 6.11 22.06 -14.45
N VAL B 235 5.23 21.57 -15.34
CA VAL B 235 5.69 21.07 -16.61
C VAL B 235 6.12 22.23 -17.51
N GLN B 236 5.38 23.35 -17.45
CA GLN B 236 5.69 24.50 -18.27
C GLN B 236 6.89 25.26 -17.72
N ALA B 237 7.32 24.96 -16.49
CA ALA B 237 8.45 25.63 -15.89
C ALA B 237 9.74 24.83 -16.06
N THR B 238 9.62 23.53 -16.36
CA THR B 238 10.79 22.68 -16.53
C THR B 238 11.23 22.67 -18.00
N ASN B 239 10.25 22.73 -18.92
CA ASN B 239 10.55 22.62 -20.34
C ASN B 239 11.18 23.91 -20.85
N LYS B 240 10.91 25.04 -20.17
CA LYS B 240 11.49 26.32 -20.53
C LYS B 240 12.71 26.62 -19.62
N VAL C 11 -21.24 -17.95 -1.33
CA VAL C 11 -20.27 -17.33 -2.30
C VAL C 11 -19.35 -18.41 -2.87
N ARG C 12 -19.79 -19.67 -2.81
CA ARG C 12 -19.02 -20.80 -3.35
C ARG C 12 -18.92 -20.65 -4.86
N LEU C 13 -17.74 -20.98 -5.41
CA LEU C 13 -17.50 -20.88 -6.83
C LEU C 13 -17.89 -22.20 -7.51
N ALA C 14 -18.28 -22.09 -8.78
CA ALA C 14 -18.57 -23.23 -9.62
C ALA C 14 -17.59 -23.29 -10.77
N ALA C 15 -17.34 -24.50 -11.28
CA ALA C 15 -16.41 -24.71 -12.38
C ALA C 15 -16.95 -24.10 -13.68
N ASP C 16 -18.28 -24.10 -13.84
CA ASP C 16 -18.92 -23.68 -15.08
C ASP C 16 -19.14 -22.16 -15.11
N ASP C 17 -18.82 -21.47 -14.03
CA ASP C 17 -19.00 -20.02 -13.95
C ASP C 17 -17.82 -19.35 -14.66
N TYR C 18 -17.95 -19.22 -15.98
CA TYR C 18 -16.88 -18.68 -16.81
C TYR C 18 -16.79 -17.17 -16.65
N VAL C 19 -17.92 -16.54 -16.29
CA VAL C 19 -17.90 -15.12 -16.00
C VAL C 19 -17.05 -14.92 -14.75
N GLY C 20 -17.35 -15.68 -13.69
CA GLY C 20 -16.57 -15.62 -12.47
C GLY C 20 -15.08 -15.63 -12.79
N PHE C 21 -14.70 -16.65 -13.55
CA PHE C 21 -13.30 -16.90 -13.81
C PHE C 21 -12.68 -15.66 -14.47
N THR C 22 -13.43 -15.04 -15.37
CA THR C 22 -12.85 -14.00 -16.20
C THR C 22 -12.74 -12.73 -15.37
N PHE C 23 -13.63 -12.55 -14.40
CA PHE C 23 -13.48 -11.44 -13.47
C PHE C 23 -12.20 -11.60 -12.68
N PHE C 24 -12.00 -12.79 -12.08
CA PHE C 24 -10.82 -13.03 -11.26
C PHE C 24 -9.53 -12.90 -12.05
N VAL C 25 -9.54 -13.36 -13.30
CA VAL C 25 -8.33 -13.28 -14.10
C VAL C 25 -8.08 -11.82 -14.43
N GLY C 26 -9.13 -11.14 -14.90
CA GLY C 26 -9.04 -9.75 -15.32
C GLY C 26 -8.57 -8.87 -14.16
N CYS C 27 -9.23 -9.03 -13.02
CA CYS C 27 -8.81 -8.28 -11.85
C CYS C 27 -7.33 -8.50 -11.53
N MET C 28 -6.86 -9.77 -11.59
CA MET C 28 -5.48 -10.12 -11.25
C MET C 28 -4.50 -9.58 -12.28
N ALA C 29 -4.86 -9.70 -13.57
CA ALA C 29 -4.01 -9.25 -14.66
C ALA C 29 -3.92 -7.72 -14.65
N MET C 30 -5.02 -7.04 -14.33
CA MET C 30 -4.97 -5.59 -14.29
C MET C 30 -4.09 -5.14 -13.10
N MET C 31 -4.30 -5.76 -11.93
CA MET C 31 -3.45 -5.44 -10.79
C MET C 31 -1.95 -5.64 -11.09
N ALA C 32 -1.62 -6.71 -11.85
CA ALA C 32 -0.24 -7.02 -12.14
C ALA C 32 0.34 -5.98 -13.08
N ALA C 33 -0.34 -5.77 -14.22
CA ALA C 33 0.04 -4.71 -15.16
C ALA C 33 0.20 -3.37 -14.43
N SER C 34 -0.75 -2.99 -13.58
CA SER C 34 -0.63 -1.68 -12.90
C SER C 34 0.68 -1.58 -12.14
N ALA C 35 1.02 -2.67 -11.44
CA ALA C 35 2.28 -2.78 -10.70
C ALA C 35 3.46 -2.69 -11.67
N PHE C 36 3.28 -3.32 -12.85
CA PHE C 36 4.38 -3.49 -13.79
C PHE C 36 4.79 -2.16 -14.38
N PHE C 37 3.81 -1.30 -14.71
CA PHE C 37 4.10 0.04 -15.23
C PHE C 37 4.57 0.97 -14.10
N PHE C 38 3.89 0.94 -12.96
CA PHE C 38 4.35 1.78 -11.85
C PHE C 38 5.80 1.47 -11.47
N LEU C 39 6.19 0.18 -11.48
CA LEU C 39 7.51 -0.18 -11.01
C LEU C 39 8.54 -0.08 -12.13
N SER C 40 8.08 -0.02 -13.39
CA SER C 40 9.02 0.12 -14.49
C SER C 40 9.30 1.58 -14.78
N MET C 41 8.40 2.44 -14.31
CA MET C 41 8.42 3.86 -14.63
C MET C 41 9.83 4.41 -14.42
N SER C 42 10.49 3.98 -13.34
CA SER C 42 11.73 4.59 -12.87
C SER C 42 12.94 4.21 -13.73
N SER C 43 12.80 3.21 -14.60
CA SER C 43 13.94 2.73 -15.37
C SER C 43 14.02 3.40 -16.75
N PHE C 44 13.52 4.65 -16.84
CA PHE C 44 13.44 5.36 -18.10
C PHE C 44 13.95 6.79 -17.96
N GLU C 45 14.18 7.42 -19.11
CA GLU C 45 14.52 8.83 -19.17
C GLU C 45 13.31 9.63 -18.70
N ARG C 46 13.56 10.91 -18.38
CA ARG C 46 12.57 11.76 -17.76
C ARG C 46 11.31 11.89 -18.62
N LYS C 47 11.46 11.87 -19.96
CA LYS C 47 10.39 12.25 -20.86
C LYS C 47 9.35 11.14 -21.02
N TRP C 48 9.79 9.88 -20.99
CA TRP C 48 8.90 8.76 -21.25
C TRP C 48 7.97 8.51 -20.08
N ARG C 49 8.52 8.65 -18.87
CA ARG C 49 7.85 8.30 -17.63
C ARG C 49 6.36 8.60 -17.66
N THR C 50 6.01 9.86 -17.98
CA THR C 50 4.62 10.27 -17.83
C THR C 50 3.73 9.36 -18.65
N SER C 51 4.18 8.99 -19.86
CA SER C 51 3.34 8.19 -20.75
C SER C 51 3.10 6.82 -20.12
N ILE C 52 4.15 6.24 -19.52
CA ILE C 52 3.99 4.97 -18.85
C ILE C 52 3.03 5.21 -17.67
N LEU C 53 3.42 6.15 -16.79
CA LEU C 53 2.65 6.39 -15.57
C LEU C 53 1.15 6.33 -15.88
N VAL C 54 0.71 7.15 -16.85
CA VAL C 54 -0.70 7.23 -17.19
C VAL C 54 -1.24 5.88 -17.66
N SER C 55 -0.42 5.12 -18.44
CA SER C 55 -0.86 3.79 -18.82
C SER C 55 -1.18 2.98 -17.56
N GLY C 56 -0.22 2.95 -16.64
CA GLY C 56 -0.50 2.34 -15.37
C GLY C 56 -1.79 2.88 -14.73
N LEU C 57 -1.90 4.22 -14.51
CA LEU C 57 -3.17 4.72 -13.98
C LEU C 57 -4.38 4.01 -14.62
N ILE C 58 -4.44 3.96 -15.98
CA ILE C 58 -5.50 3.27 -16.69
C ILE C 58 -5.68 1.84 -16.15
N THR C 59 -4.60 1.03 -16.14
CA THR C 59 -4.80 -0.31 -15.59
C THR C 59 -5.21 -0.22 -14.12
N PHE C 60 -4.65 0.76 -13.39
CA PHE C 60 -4.97 0.85 -11.98
C PHE C 60 -6.45 1.08 -11.72
N ILE C 61 -7.05 2.09 -12.42
CA ILE C 61 -8.48 2.32 -12.21
C ILE C 61 -9.26 1.05 -12.50
N ALA C 62 -9.00 0.44 -13.68
CA ALA C 62 -9.58 -0.85 -14.02
C ALA C 62 -9.38 -1.92 -12.91
N ALA C 63 -8.15 -2.18 -12.50
CA ALA C 63 -7.96 -3.15 -11.41
C ALA C 63 -8.89 -2.93 -10.22
N VAL C 64 -8.95 -1.66 -9.74
CA VAL C 64 -9.76 -1.37 -8.56
C VAL C 64 -11.24 -1.56 -8.87
N HIS C 65 -11.70 -1.10 -10.05
CA HIS C 65 -13.10 -1.31 -10.40
C HIS C 65 -13.36 -2.81 -10.59
N TYR C 66 -12.47 -3.51 -11.32
CA TYR C 66 -12.69 -4.94 -11.54
C TYR C 66 -12.85 -5.68 -10.23
N TRP C 67 -12.02 -5.31 -9.22
CA TRP C 67 -12.09 -5.93 -7.91
C TRP C 67 -13.50 -5.81 -7.34
N TYR C 68 -14.06 -4.61 -7.45
CA TYR C 68 -15.43 -4.35 -7.00
C TYR C 68 -16.41 -5.20 -7.81
N MET C 69 -16.30 -5.14 -9.13
CA MET C 69 -17.23 -5.92 -9.94
C MET C 69 -17.11 -7.41 -9.60
N ARG C 70 -15.87 -7.92 -9.56
CA ARG C 70 -15.60 -9.31 -9.17
C ARG C 70 -16.36 -9.71 -7.91
N ASP C 71 -16.40 -8.82 -6.90
CA ASP C 71 -17.11 -9.15 -5.67
C ASP C 71 -18.60 -9.16 -5.95
N TYR C 72 -19.06 -8.19 -6.73
CA TYR C 72 -20.49 -8.02 -6.92
C TYR C 72 -21.04 -9.27 -7.58
N TRP C 73 -20.41 -9.68 -8.68
CA TRP C 73 -20.81 -10.89 -9.39
C TRP C 73 -20.83 -12.11 -8.48
N SER C 74 -19.85 -12.22 -7.59
CA SER C 74 -19.83 -13.32 -6.63
C SER C 74 -21.02 -13.21 -5.68
N GLY C 75 -21.49 -11.98 -5.44
CA GLY C 75 -22.61 -11.74 -4.55
C GLY C 75 -23.95 -12.06 -5.20
N PHE C 76 -24.23 -11.39 -6.33
CA PHE C 76 -25.57 -11.37 -6.90
C PHE C 76 -25.63 -12.09 -8.25
N ALA C 77 -24.48 -12.51 -8.77
CA ALA C 77 -24.43 -13.23 -10.03
C ALA C 77 -25.12 -12.42 -11.13
N GLU C 78 -24.84 -11.11 -11.14
CA GLU C 78 -25.30 -10.22 -12.19
C GLU C 78 -24.45 -8.96 -12.21
N SER C 79 -23.92 -8.60 -13.38
CA SER C 79 -23.04 -7.46 -13.56
C SER C 79 -23.73 -6.41 -14.44
N PRO C 80 -24.44 -5.42 -13.86
CA PRO C 80 -25.13 -4.41 -14.64
C PRO C 80 -24.19 -3.58 -15.50
N VAL C 81 -24.58 -3.36 -16.75
CA VAL C 81 -23.65 -2.89 -17.76
C VAL C 81 -23.27 -1.45 -17.45
N PHE C 82 -24.25 -0.67 -16.98
CA PHE C 82 -24.05 0.74 -16.70
C PHE C 82 -22.90 0.94 -15.70
N PHE C 83 -22.74 -0.02 -14.78
CA PHE C 83 -21.72 0.05 -13.75
C PHE C 83 -20.32 0.05 -14.37
N ARG C 84 -20.15 -0.63 -15.50
CA ARG C 84 -18.87 -0.60 -16.19
C ARG C 84 -18.48 0.83 -16.53
N TYR C 85 -19.48 1.71 -16.71
CA TYR C 85 -19.22 3.06 -17.21
C TYR C 85 -18.36 3.81 -16.22
N VAL C 86 -18.56 3.52 -14.93
CA VAL C 86 -17.73 4.03 -13.85
C VAL C 86 -16.26 3.97 -14.22
N ASP C 87 -15.83 2.84 -14.79
CA ASP C 87 -14.45 2.70 -15.25
C ASP C 87 -14.27 3.44 -16.58
N TRP C 88 -15.11 3.13 -17.58
CA TRP C 88 -14.89 3.61 -18.94
C TRP C 88 -14.81 5.13 -19.03
N VAL C 89 -15.70 5.83 -18.33
CA VAL C 89 -15.71 7.28 -18.44
C VAL C 89 -14.37 7.85 -17.99
N LEU C 90 -13.64 7.15 -17.08
CA LEU C 90 -12.34 7.60 -16.63
C LEU C 90 -11.22 7.16 -17.58
N THR C 91 -11.29 5.92 -18.06
CA THR C 91 -10.14 5.32 -18.74
C THR C 91 -10.08 5.74 -20.21
N VAL C 92 -11.23 5.70 -20.88
CA VAL C 92 -11.28 5.96 -22.32
C VAL C 92 -10.64 7.30 -22.65
N PRO C 93 -10.90 8.38 -21.88
CA PRO C 93 -10.17 9.61 -22.06
C PRO C 93 -8.64 9.48 -21.94
N LEU C 94 -8.18 8.72 -20.93
CA LEU C 94 -6.73 8.65 -20.73
C LEU C 94 -6.07 8.02 -21.94
N MET C 95 -6.66 6.96 -22.48
CA MET C 95 -6.15 6.33 -23.69
C MET C 95 -6.02 7.33 -24.83
N CYS C 96 -7.03 8.19 -25.00
CA CYS C 96 -6.98 9.29 -25.94
C CYS C 96 -5.78 10.19 -25.63
N VAL C 97 -5.54 10.47 -24.34
CA VAL C 97 -4.42 11.32 -23.97
C VAL C 97 -3.14 10.66 -24.45
N GLU C 98 -3.12 9.33 -24.44
CA GLU C 98 -1.97 8.56 -24.91
C GLU C 98 -1.61 8.87 -26.36
N PHE C 99 -2.57 9.33 -27.17
CA PHE C 99 -2.26 9.81 -28.51
C PHE C 99 -1.40 11.07 -28.41
N TYR C 100 -1.70 11.94 -27.44
CA TYR C 100 -1.05 13.22 -27.36
C TYR C 100 0.39 13.04 -26.90
N LEU C 101 0.59 12.12 -25.95
CA LEU C 101 1.87 11.95 -25.27
C LEU C 101 2.91 11.35 -26.20
N ILE C 102 2.47 10.55 -27.19
CA ILE C 102 3.45 9.95 -28.08
C ILE C 102 3.77 10.90 -29.24
N LEU C 103 2.87 11.83 -29.59
CA LEU C 103 3.11 12.76 -30.70
C LEU C 103 3.53 14.11 -30.17
N LYS C 104 3.80 14.22 -28.86
CA LYS C 104 4.14 15.50 -28.26
C LYS C 104 5.52 15.95 -28.75
N VAL C 105 6.42 14.98 -28.96
CA VAL C 105 7.77 15.28 -29.41
C VAL C 105 7.74 15.55 -30.91
N ALA C 106 6.70 15.04 -31.60
CA ALA C 106 6.54 15.21 -33.03
C ALA C 106 5.93 16.57 -33.38
N GLY C 107 5.42 17.27 -32.35
CA GLY C 107 4.88 18.61 -32.51
C GLY C 107 3.35 18.58 -32.50
N ALA C 108 2.79 17.89 -31.50
CA ALA C 108 1.36 17.93 -31.24
C ALA C 108 1.04 19.14 -30.36
N LYS C 109 -0.15 19.70 -30.56
CA LYS C 109 -0.60 20.89 -29.86
C LYS C 109 -1.68 20.49 -28.87
N LYS C 110 -1.70 21.16 -27.70
CA LYS C 110 -2.63 20.83 -26.62
C LYS C 110 -4.07 20.90 -27.13
N SER C 111 -4.32 21.69 -28.18
CA SER C 111 -5.63 21.78 -28.80
C SER C 111 -6.12 20.39 -29.19
N LEU C 112 -5.20 19.57 -29.73
CA LEU C 112 -5.52 18.22 -30.16
C LEU C 112 -5.91 17.40 -28.92
N MET C 113 -5.12 17.55 -27.86
CA MET C 113 -5.38 16.79 -26.64
C MET C 113 -6.77 17.13 -26.10
N TRP C 114 -7.06 18.44 -25.94
CA TRP C 114 -8.37 18.88 -25.50
C TRP C 114 -9.50 18.34 -26.38
N LYS C 115 -9.32 18.41 -27.70
CA LYS C 115 -10.31 17.87 -28.61
C LYS C 115 -10.55 16.41 -28.24
N LEU C 116 -9.49 15.61 -28.25
CA LEU C 116 -9.63 14.19 -27.97
C LEU C 116 -10.42 13.98 -26.67
N ILE C 117 -9.96 14.61 -25.57
CA ILE C 117 -10.61 14.42 -24.29
C ILE C 117 -12.11 14.74 -24.42
N PHE C 118 -12.41 15.94 -24.96
CA PHE C 118 -13.77 16.39 -25.21
C PHE C 118 -14.55 15.29 -25.93
N LEU C 119 -14.03 14.84 -27.08
CA LEU C 119 -14.75 13.83 -27.85
C LEU C 119 -15.03 12.61 -26.96
N SER C 120 -13.96 12.06 -26.36
CA SER C 120 -14.08 10.84 -25.55
C SER C 120 -15.08 10.99 -24.42
N VAL C 121 -15.00 12.12 -23.67
CA VAL C 121 -15.96 12.34 -22.62
C VAL C 121 -17.39 12.35 -23.22
N VAL C 122 -17.62 13.12 -24.29
CA VAL C 122 -18.97 13.25 -24.81
C VAL C 122 -19.43 11.83 -25.13
N MET C 123 -18.61 11.12 -25.93
CA MET C 123 -18.94 9.75 -26.28
C MET C 123 -19.42 8.92 -25.10
N LEU C 124 -18.65 8.92 -24.00
CA LEU C 124 -18.97 8.10 -22.84
C LEU C 124 -20.19 8.61 -22.08
N VAL C 125 -20.32 9.94 -21.92
CA VAL C 125 -21.52 10.48 -21.27
C VAL C 125 -22.76 10.16 -22.10
N THR C 126 -22.70 10.39 -23.42
CA THR C 126 -23.84 10.06 -24.27
C THR C 126 -24.20 8.60 -24.09
N GLY C 127 -23.18 7.73 -24.13
CA GLY C 127 -23.36 6.31 -23.84
C GLY C 127 -24.14 6.07 -22.54
N TYR C 128 -23.67 6.75 -21.46
CA TYR C 128 -24.26 6.58 -20.14
C TYR C 128 -25.71 7.06 -20.11
N PHE C 129 -26.01 8.15 -20.83
CA PHE C 129 -27.38 8.66 -20.93
C PHE C 129 -28.24 7.65 -21.68
N GLY C 130 -27.74 7.12 -22.80
CA GLY C 130 -28.41 6.07 -23.54
C GLY C 130 -28.77 4.86 -22.67
N GLU C 131 -27.89 4.51 -21.72
CA GLU C 131 -28.01 3.26 -20.98
C GLU C 131 -28.69 3.42 -19.62
N ALA C 132 -28.72 4.64 -19.05
CA ALA C 132 -29.08 4.81 -17.66
C ALA C 132 -30.32 5.70 -17.49
N VAL C 133 -30.32 6.90 -18.06
CA VAL C 133 -31.36 7.87 -17.77
C VAL C 133 -32.59 7.63 -18.65
N ASP C 134 -32.39 7.47 -19.97
CA ASP C 134 -33.49 7.30 -20.90
C ASP C 134 -33.14 6.23 -21.93
N ARG C 135 -33.83 5.09 -21.80
CA ARG C 135 -33.65 3.95 -22.68
C ARG C 135 -34.57 4.06 -23.90
N GLY C 136 -35.68 4.81 -23.77
CA GLY C 136 -36.56 5.07 -24.88
C GLY C 136 -35.87 5.87 -25.98
N ASN C 137 -34.97 6.77 -25.59
CA ASN C 137 -34.26 7.66 -26.50
C ASN C 137 -32.85 7.14 -26.75
N ALA C 138 -32.61 5.85 -26.49
CA ALA C 138 -31.25 5.32 -26.45
C ALA C 138 -30.59 5.34 -27.82
N TRP C 139 -31.40 5.20 -28.88
CA TRP C 139 -30.88 5.11 -30.24
C TRP C 139 -30.17 6.40 -30.63
N LEU C 140 -30.76 7.54 -30.22
CA LEU C 140 -30.25 8.86 -30.57
C LEU C 140 -28.91 9.05 -29.86
N TRP C 141 -28.90 8.74 -28.56
CA TRP C 141 -27.67 8.83 -27.77
C TRP C 141 -26.60 7.94 -28.40
N GLY C 142 -26.97 6.69 -28.70
CA GLY C 142 -26.12 5.83 -29.51
C GLY C 142 -25.53 6.58 -30.69
N LEU C 143 -26.42 7.23 -31.48
CA LEU C 143 -26.03 7.91 -32.70
C LEU C 143 -24.97 8.94 -32.39
N PHE C 144 -25.24 9.79 -31.40
CA PHE C 144 -24.27 10.79 -30.94
C PHE C 144 -22.95 10.14 -30.53
N SER C 145 -23.00 9.11 -29.68
CA SER C 145 -21.78 8.42 -29.29
C SER C 145 -21.06 7.89 -30.53
N GLY C 146 -21.82 7.21 -31.41
CA GLY C 146 -21.31 6.72 -32.70
C GLY C 146 -20.52 7.80 -33.42
N VAL C 147 -21.10 9.01 -33.44
CA VAL C 147 -20.52 10.09 -34.23
C VAL C 147 -19.19 10.46 -33.60
N ALA C 148 -19.17 10.52 -32.26
CA ALA C 148 -17.95 10.79 -31.51
C ALA C 148 -16.91 9.69 -31.76
N TYR C 149 -17.33 8.43 -31.77
CA TYR C 149 -16.40 7.37 -32.15
C TYR C 149 -15.78 7.65 -33.53
N PHE C 150 -16.65 7.83 -34.56
CA PHE C 150 -16.22 7.94 -35.95
C PHE C 150 -15.20 9.09 -36.04
N TRP C 151 -15.54 10.19 -35.36
CA TRP C 151 -14.72 11.39 -35.39
C TRP C 151 -13.32 11.02 -34.91
N ILE C 152 -13.27 10.26 -33.81
CA ILE C 152 -12.01 9.89 -33.20
C ILE C 152 -11.25 8.96 -34.14
N VAL C 153 -11.92 7.91 -34.63
CA VAL C 153 -11.27 7.04 -35.61
C VAL C 153 -10.80 7.83 -36.85
N ILE C 154 -11.57 8.80 -37.38
CA ILE C 154 -11.14 9.53 -38.57
C ILE C 154 -9.95 10.41 -38.21
N GLU C 155 -10.00 11.04 -37.05
CA GLU C 155 -8.92 11.89 -36.62
C GLU C 155 -7.61 11.10 -36.62
N ILE C 156 -7.64 9.90 -36.03
CA ILE C 156 -6.41 9.18 -35.76
C ILE C 156 -5.93 8.50 -37.03
N TRP C 157 -6.84 8.12 -37.92
CA TRP C 157 -6.46 7.40 -39.14
C TRP C 157 -6.02 8.36 -40.25
N PHE C 158 -6.77 9.44 -40.50
CA PHE C 158 -6.52 10.32 -41.63
C PHE C 158 -6.34 11.77 -41.21
N GLY C 159 -6.48 12.07 -39.91
CA GLY C 159 -6.47 13.45 -39.45
C GLY C 159 -5.06 13.95 -39.17
N LYS C 160 -4.96 15.00 -38.34
CA LYS C 160 -3.70 15.67 -38.05
C LYS C 160 -2.73 14.74 -37.34
N ALA C 161 -3.28 13.85 -36.49
CA ALA C 161 -2.48 12.95 -35.68
C ALA C 161 -1.64 12.03 -36.55
N LYS C 162 -2.23 11.51 -37.64
CA LYS C 162 -1.51 10.62 -38.54
C LYS C 162 -0.41 11.40 -39.24
N LYS C 163 -0.71 12.64 -39.66
CA LYS C 163 0.25 13.43 -40.42
C LYS C 163 1.46 13.73 -39.55
N LEU C 164 1.21 14.03 -38.26
CA LEU C 164 2.27 14.31 -37.31
C LEU C 164 3.11 13.06 -37.06
N ALA C 165 2.45 11.90 -37.02
CA ALA C 165 3.14 10.64 -36.79
C ALA C 165 4.03 10.29 -37.98
N VAL C 166 3.52 10.51 -39.20
CA VAL C 166 4.25 10.18 -40.42
C VAL C 166 5.45 11.12 -40.56
N ALA C 167 5.27 12.40 -40.19
CA ALA C 167 6.35 13.37 -40.20
C ALA C 167 7.49 12.92 -39.27
N ALA C 168 7.11 12.48 -38.07
CA ALA C 168 8.06 11.98 -37.07
C ALA C 168 8.72 10.72 -37.59
N GLY C 169 7.91 9.77 -38.05
CA GLY C 169 8.40 8.55 -38.65
C GLY C 169 9.16 7.66 -37.65
N GLY C 170 9.44 6.44 -38.09
CA GLY C 170 10.18 5.48 -37.29
C GLY C 170 9.26 4.70 -36.36
N ASP C 171 9.85 4.23 -35.26
CA ASP C 171 9.16 3.41 -34.27
C ASP C 171 7.96 4.14 -33.67
N VAL C 172 8.08 5.46 -33.51
CA VAL C 172 7.00 6.30 -33.01
C VAL C 172 5.77 6.17 -33.91
N LEU C 173 6.01 6.11 -35.23
CA LEU C 173 4.94 5.93 -36.19
C LEU C 173 4.31 4.55 -35.98
N ALA C 174 5.16 3.52 -35.97
CA ALA C 174 4.69 2.14 -35.94
C ALA C 174 3.69 1.95 -34.80
N ALA C 175 4.15 2.20 -33.57
CA ALA C 175 3.34 2.11 -32.36
C ALA C 175 2.01 2.87 -32.47
N HIS C 176 2.04 4.05 -33.11
CA HIS C 176 0.82 4.76 -33.47
C HIS C 176 -0.12 3.82 -34.25
N LYS C 177 0.38 3.18 -35.30
CA LYS C 177 -0.55 2.46 -36.15
C LYS C 177 -1.30 1.49 -35.24
N THR C 178 -0.51 0.72 -34.48
CA THR C 178 -1.05 -0.41 -33.72
C THR C 178 -2.13 0.06 -32.74
N LEU C 179 -1.88 1.21 -32.09
CA LEU C 179 -2.91 1.94 -31.38
C LEU C 179 -4.18 2.08 -32.23
N CYS C 180 -4.03 2.57 -33.47
CA CYS C 180 -5.21 2.80 -34.31
C CYS C 180 -5.92 1.47 -34.53
N TRP C 181 -5.17 0.38 -34.68
CA TRP C 181 -5.80 -0.90 -34.83
C TRP C 181 -6.61 -1.26 -33.58
N PHE C 182 -5.98 -1.16 -32.41
CA PHE C 182 -6.65 -1.31 -31.12
C PHE C 182 -7.87 -0.40 -30.97
N VAL C 183 -7.78 0.87 -31.35
CA VAL C 183 -9.01 1.66 -31.42
C VAL C 183 -9.99 1.04 -32.43
N LEU C 184 -9.52 0.75 -33.65
CA LEU C 184 -10.46 0.35 -34.71
C LEU C 184 -11.09 -0.99 -34.37
N VAL C 185 -10.27 -1.98 -34.01
CA VAL C 185 -10.75 -3.34 -33.86
C VAL C 185 -11.07 -3.60 -32.39
N GLY C 186 -10.15 -3.21 -31.51
CA GLY C 186 -10.30 -3.50 -30.08
C GLY C 186 -11.58 -2.89 -29.53
N TRP C 187 -11.76 -1.59 -29.79
CA TRP C 187 -12.91 -0.89 -29.20
C TRP C 187 -14.25 -1.33 -29.79
N ALA C 188 -14.25 -1.84 -31.03
CA ALA C 188 -15.46 -2.13 -31.79
C ALA C 188 -16.48 -2.96 -31.00
N ILE C 189 -15.99 -3.77 -30.05
CA ILE C 189 -16.83 -4.66 -29.26
C ILE C 189 -17.78 -3.86 -28.36
N TYR C 190 -17.41 -2.62 -28.02
CA TYR C 190 -18.23 -1.85 -27.08
C TYR C 190 -19.51 -1.35 -27.75
N PRO C 191 -19.45 -0.61 -28.88
CA PRO C 191 -20.66 -0.30 -29.65
C PRO C 191 -21.57 -1.47 -29.94
N ILE C 192 -20.98 -2.64 -30.25
CA ILE C 192 -21.77 -3.83 -30.49
C ILE C 192 -22.59 -4.19 -29.25
N GLY C 193 -21.93 -4.20 -28.08
CA GLY C 193 -22.59 -4.58 -26.84
C GLY C 193 -23.78 -3.68 -26.54
N TYR C 194 -23.61 -2.38 -26.83
CA TYR C 194 -24.69 -1.41 -26.74
C TYR C 194 -25.91 -1.91 -27.53
N MET C 195 -25.68 -2.35 -28.78
CA MET C 195 -26.77 -2.81 -29.65
C MET C 195 -27.53 -3.95 -28.98
N ALA C 196 -26.79 -4.83 -28.30
CA ALA C 196 -27.38 -5.99 -27.64
C ALA C 196 -28.04 -5.59 -26.31
N GLY C 197 -27.77 -4.37 -25.83
CA GLY C 197 -28.21 -3.93 -24.52
C GLY C 197 -29.48 -3.08 -24.57
N THR C 198 -29.64 -2.28 -25.63
CA THR C 198 -30.68 -1.26 -25.68
C THR C 198 -31.69 -1.60 -26.78
N PRO C 199 -32.98 -1.25 -26.61
CA PRO C 199 -33.95 -1.38 -27.70
C PRO C 199 -33.74 -0.33 -28.79
N GLY C 200 -34.20 -0.64 -30.00
CA GLY C 200 -34.10 0.27 -31.13
C GLY C 200 -34.30 -0.45 -32.46
N TRP C 201 -33.54 -0.04 -33.47
CA TRP C 201 -33.64 -0.59 -34.81
C TRP C 201 -32.60 -1.70 -35.03
N TYR C 202 -31.79 -1.99 -34.00
CA TYR C 202 -30.73 -2.98 -34.07
C TYR C 202 -31.03 -4.11 -33.08
N ASP C 203 -30.78 -5.37 -33.48
CA ASP C 203 -31.00 -6.51 -32.60
C ASP C 203 -29.67 -7.03 -32.05
N SER C 204 -28.70 -7.29 -32.93
CA SER C 204 -27.37 -7.78 -32.59
C SER C 204 -27.39 -8.91 -31.56
N ILE C 205 -28.00 -10.03 -31.98
CA ILE C 205 -28.17 -11.20 -31.13
C ILE C 205 -26.81 -11.70 -30.66
N PHE C 206 -25.93 -12.07 -31.61
CA PHE C 206 -24.61 -12.61 -31.29
C PHE C 206 -24.75 -13.67 -30.21
N GLY C 207 -25.43 -14.77 -30.57
CA GLY C 207 -25.66 -15.88 -29.66
C GLY C 207 -24.39 -16.67 -29.36
N GLY C 208 -24.51 -17.56 -28.36
CA GLY C 208 -23.43 -18.42 -27.93
C GLY C 208 -22.51 -17.73 -26.94
N TRP C 209 -21.79 -16.71 -27.42
CA TRP C 209 -20.82 -15.99 -26.58
C TRP C 209 -21.55 -15.08 -25.61
N ASP C 210 -21.06 -15.05 -24.36
CA ASP C 210 -21.67 -14.27 -23.29
C ASP C 210 -20.98 -12.93 -23.20
N LEU C 211 -21.74 -11.85 -23.39
CA LEU C 211 -21.20 -10.49 -23.44
C LEU C 211 -20.25 -10.18 -22.27
N ASN C 212 -20.67 -10.58 -21.08
CA ASN C 212 -19.86 -10.37 -19.89
C ASN C 212 -18.45 -10.91 -20.13
N VAL C 213 -18.36 -12.17 -20.57
CA VAL C 213 -17.07 -12.82 -20.79
C VAL C 213 -16.28 -12.03 -21.83
N ILE C 214 -16.95 -11.58 -22.90
CA ILE C 214 -16.24 -10.82 -23.92
C ILE C 214 -15.81 -9.46 -23.35
N TYR C 215 -16.68 -8.85 -22.54
CA TYR C 215 -16.25 -7.62 -21.84
C TYR C 215 -15.01 -7.91 -21.01
N ASN C 216 -15.03 -8.96 -20.16
CA ASN C 216 -13.91 -9.15 -19.22
C ASN C 216 -12.60 -9.38 -19.97
N ILE C 217 -12.62 -10.22 -21.04
CA ILE C 217 -11.38 -10.50 -21.76
C ILE C 217 -10.95 -9.27 -22.54
N GLY C 218 -11.88 -8.69 -23.32
CA GLY C 218 -11.59 -7.51 -24.11
C GLY C 218 -11.00 -6.38 -23.26
N ASP C 219 -11.66 -6.06 -22.14
CA ASP C 219 -11.21 -4.95 -21.30
C ASP C 219 -9.71 -5.12 -21.02
N ALA C 220 -9.35 -6.28 -20.49
CA ALA C 220 -7.98 -6.57 -20.09
C ALA C 220 -7.04 -6.50 -21.29
N ILE C 221 -7.45 -7.12 -22.41
CA ILE C 221 -6.66 -7.05 -23.62
C ILE C 221 -6.45 -5.58 -23.98
N ASN C 222 -7.55 -4.84 -24.16
CA ASN C 222 -7.47 -3.46 -24.64
C ASN C 222 -6.45 -2.69 -23.81
N LYS C 223 -6.64 -2.65 -22.49
CA LYS C 223 -5.82 -1.83 -21.61
C LYS C 223 -4.38 -2.32 -21.46
N ILE C 224 -4.20 -3.63 -21.25
CA ILE C 224 -2.87 -4.19 -21.16
C ILE C 224 -2.16 -4.05 -22.50
N GLY C 225 -2.94 -4.16 -23.59
CA GLY C 225 -2.40 -3.97 -24.92
C GLY C 225 -1.80 -2.59 -25.11
N PHE C 226 -2.62 -1.58 -24.84
CA PHE C 226 -2.13 -0.22 -24.92
C PHE C 226 -0.82 -0.12 -24.17
N GLY C 227 -0.86 -0.44 -22.88
CA GLY C 227 0.33 -0.41 -22.04
C GLY C 227 1.55 -1.01 -22.68
N LEU C 228 1.43 -2.29 -23.14
CA LEU C 228 2.53 -3.01 -23.79
C LEU C 228 3.04 -2.26 -25.01
N VAL C 229 2.12 -1.54 -25.69
CA VAL C 229 2.56 -0.79 -26.87
C VAL C 229 3.44 0.36 -26.41
N ILE C 230 2.89 1.21 -25.55
CA ILE C 230 3.65 2.37 -25.12
C ILE C 230 5.01 1.91 -24.57
N TYR C 231 5.03 0.88 -23.71
CA TYR C 231 6.27 0.32 -23.20
C TYR C 231 7.22 -0.14 -24.30
N ASN C 232 6.68 -0.79 -25.34
CA ASN C 232 7.48 -1.23 -26.46
C ASN C 232 8.11 -0.04 -27.15
N LEU C 233 7.37 1.08 -27.19
CA LEU C 233 7.82 2.26 -27.89
C LEU C 233 9.01 2.83 -27.12
N ALA C 234 8.88 2.86 -25.79
CA ALA C 234 9.91 3.41 -24.93
C ALA C 234 11.18 2.59 -25.03
N VAL C 235 11.04 1.26 -25.07
CA VAL C 235 12.20 0.40 -25.06
C VAL C 235 12.94 0.49 -26.39
N GLN C 236 12.19 0.57 -27.50
CA GLN C 236 12.79 0.61 -28.82
C GLN C 236 13.38 2.00 -29.09
N ALA C 237 12.99 3.00 -28.29
CA ALA C 237 13.49 4.35 -28.53
C ALA C 237 14.68 4.68 -27.64
N THR C 238 14.84 3.91 -26.55
CA THR C 238 15.87 4.17 -25.55
C THR C 238 17.12 3.36 -25.86
N ASN C 239 16.96 2.18 -26.46
CA ASN C 239 18.06 1.25 -26.66
C ASN C 239 19.02 1.76 -27.73
N LYS C 240 18.52 2.59 -28.67
CA LYS C 240 19.34 3.21 -29.69
C LYS C 240 19.63 4.66 -29.27
N VAL D 11 -15.08 -20.47 12.55
CA VAL D 11 -13.91 -20.46 11.62
C VAL D 11 -12.61 -20.64 12.41
N ARG D 12 -12.73 -21.21 13.61
CA ARG D 12 -11.58 -21.48 14.47
C ARG D 12 -10.71 -22.55 13.81
N LEU D 13 -9.38 -22.36 13.91
CA LEU D 13 -8.41 -23.24 13.29
C LEU D 13 -8.11 -24.45 14.18
N ALA D 14 -7.74 -25.54 13.51
CA ALA D 14 -7.43 -26.80 14.15
C ALA D 14 -5.98 -27.18 13.85
N ALA D 15 -5.37 -27.92 14.78
CA ALA D 15 -3.95 -28.22 14.73
C ALA D 15 -3.64 -29.19 13.59
N ASP D 16 -4.60 -30.08 13.27
CA ASP D 16 -4.39 -31.16 12.32
C ASP D 16 -4.70 -30.71 10.88
N ASP D 17 -5.16 -29.45 10.71
CA ASP D 17 -5.46 -28.92 9.40
C ASP D 17 -4.17 -28.51 8.70
N TYR D 18 -3.52 -29.49 8.04
CA TYR D 18 -2.24 -29.28 7.41
C TYR D 18 -2.39 -28.49 6.11
N VAL D 19 -3.57 -28.60 5.50
CA VAL D 19 -3.87 -27.80 4.31
C VAL D 19 -3.90 -26.35 4.75
N GLY D 20 -4.69 -26.06 5.80
CA GLY D 20 -4.76 -24.71 6.34
C GLY D 20 -3.36 -24.14 6.48
N PHE D 21 -2.52 -24.89 7.18
CA PHE D 21 -1.22 -24.39 7.53
C PHE D 21 -0.45 -24.00 6.26
N THR D 22 -0.60 -24.81 5.22
CA THR D 22 0.25 -24.66 4.06
C THR D 22 -0.25 -23.46 3.26
N PHE D 23 -1.55 -23.20 3.32
CA PHE D 23 -2.07 -21.98 2.71
C PHE D 23 -1.47 -20.75 3.40
N PHE D 24 -1.55 -20.71 4.74
CA PHE D 24 -1.05 -19.57 5.49
C PHE D 24 0.45 -19.36 5.28
N VAL D 25 1.21 -20.45 5.19
CA VAL D 25 2.64 -20.32 5.03
C VAL D 25 2.90 -19.81 3.62
N GLY D 26 2.26 -20.46 2.63
CA GLY D 26 2.46 -20.13 1.23
C GLY D 26 2.07 -18.67 0.97
N CYS D 27 0.89 -18.29 1.45
CA CYS D 27 0.47 -16.90 1.30
C CYS D 27 1.50 -15.96 1.89
N MET D 28 2.03 -16.24 3.09
CA MET D 28 2.99 -15.37 3.77
C MET D 28 4.33 -15.35 3.05
N ALA D 29 4.81 -16.52 2.61
CA ALA D 29 6.09 -16.63 1.91
C ALA D 29 6.02 -15.94 0.55
N MET D 30 4.87 -16.06 -0.12
CA MET D 30 4.75 -15.40 -1.42
C MET D 30 4.71 -13.89 -1.22
N MET D 31 3.91 -13.43 -0.25
CA MET D 31 3.88 -12.01 0.08
C MET D 31 5.24 -11.43 0.41
N ALA D 32 6.07 -12.22 1.14
CA ALA D 32 7.40 -11.78 1.53
C ALA D 32 8.31 -11.67 0.31
N ALA D 33 8.42 -12.77 -0.44
CA ALA D 33 9.15 -12.78 -1.69
C ALA D 33 8.70 -11.61 -2.60
N SER D 34 7.39 -11.41 -2.78
CA SER D 34 6.95 -10.32 -3.66
C SER D 34 7.54 -8.99 -3.25
N ALA D 35 7.51 -8.75 -1.92
CA ALA D 35 8.09 -7.54 -1.35
C ALA D 35 9.59 -7.52 -1.59
N PHE D 36 10.22 -8.72 -1.51
CA PHE D 36 11.67 -8.82 -1.54
C PHE D 36 12.20 -8.45 -2.91
N PHE D 37 11.52 -8.88 -3.98
CA PHE D 37 11.94 -8.53 -5.33
C PHE D 37 11.51 -7.09 -5.66
N PHE D 38 10.31 -6.68 -5.30
CA PHE D 38 9.93 -5.28 -5.54
C PHE D 38 10.91 -4.31 -4.88
N LEU D 39 11.37 -4.63 -3.66
CA LEU D 39 12.21 -3.70 -2.93
C LEU D 39 13.68 -3.88 -3.32
N SER D 40 14.04 -5.01 -3.94
CA SER D 40 15.41 -5.23 -4.35
C SER D 40 15.61 -4.70 -5.76
N MET D 41 14.51 -4.50 -6.50
CA MET D 41 14.57 -4.10 -7.90
C MET D 41 15.53 -2.93 -8.05
N SER D 42 15.49 -1.98 -7.10
CA SER D 42 16.29 -0.77 -7.19
C SER D 42 17.75 -1.00 -6.79
N SER D 43 18.06 -2.19 -6.25
CA SER D 43 19.39 -2.50 -5.76
C SER D 43 20.28 -3.12 -6.84
N PHE D 44 19.86 -3.00 -8.11
CA PHE D 44 20.68 -3.41 -9.25
C PHE D 44 20.67 -2.32 -10.31
N GLU D 45 21.56 -2.49 -11.29
CA GLU D 45 21.63 -1.60 -12.43
C GLU D 45 20.36 -1.77 -13.26
N ARG D 46 20.14 -0.81 -14.16
CA ARG D 46 18.91 -0.73 -14.91
C ARG D 46 18.67 -1.97 -15.76
N LYS D 47 19.72 -2.67 -16.20
CA LYS D 47 19.61 -3.75 -17.16
C LYS D 47 18.95 -5.01 -16.59
N TRP D 48 19.20 -5.32 -15.32
CA TRP D 48 18.63 -6.53 -14.73
C TRP D 48 17.19 -6.28 -14.31
N ARG D 49 16.90 -5.04 -13.87
CA ARG D 49 15.69 -4.71 -13.13
C ARG D 49 14.45 -5.41 -13.66
N THR D 50 14.20 -5.33 -14.97
CA THR D 50 12.96 -5.85 -15.50
C THR D 50 12.84 -7.34 -15.16
N SER D 51 13.95 -8.08 -15.21
CA SER D 51 13.91 -9.51 -14.96
C SER D 51 13.47 -9.77 -13.52
N ILE D 52 14.01 -8.97 -12.59
CA ILE D 52 13.60 -9.11 -11.21
C ILE D 52 12.12 -8.74 -11.17
N LEU D 53 11.79 -7.51 -11.62
CA LEU D 53 10.45 -6.97 -11.52
C LEU D 53 9.43 -8.06 -11.80
N VAL D 54 9.57 -8.68 -13.00
CA VAL D 54 8.64 -9.72 -13.45
C VAL D 54 8.64 -10.91 -12.49
N SER D 55 9.81 -11.31 -11.96
CA SER D 55 9.82 -12.38 -10.98
C SER D 55 8.93 -12.00 -9.80
N GLY D 56 9.15 -10.79 -9.29
CA GLY D 56 8.24 -10.28 -8.27
C GLY D 56 6.78 -10.38 -8.71
N LEU D 57 6.41 -9.75 -9.85
CA LEU D 57 5.04 -9.90 -10.34
C LEU D 57 4.52 -11.31 -10.15
N ILE D 58 5.29 -12.34 -10.62
CA ILE D 58 4.94 -13.73 -10.43
C ILE D 58 4.58 -14.02 -8.97
N THR D 59 5.49 -13.75 -8.04
CA THR D 59 5.14 -14.00 -6.65
C THR D 59 3.95 -13.13 -6.26
N PHE D 60 3.90 -11.88 -6.77
CA PHE D 60 2.81 -11.00 -6.35
C PHE D 60 1.45 -11.56 -6.72
N ILE D 61 1.27 -12.00 -8.00
CA ILE D 61 -0.01 -12.55 -8.38
C ILE D 61 -0.36 -13.73 -7.49
N ALA D 62 0.58 -14.68 -7.33
CA ALA D 62 0.43 -15.78 -6.38
C ALA D 62 0.06 -15.28 -4.96
N ALA D 63 0.85 -14.38 -4.36
CA ALA D 63 0.45 -13.87 -3.03
C ALA D 63 -1.02 -13.47 -2.95
N VAL D 64 -1.48 -12.66 -3.93
CA VAL D 64 -2.85 -12.16 -3.87
C VAL D 64 -3.85 -13.28 -4.06
N HIS D 65 -3.58 -14.20 -5.01
CA HIS D 65 -4.48 -15.33 -5.19
C HIS D 65 -4.42 -16.23 -3.95
N TYR D 66 -3.22 -16.53 -3.45
CA TYR D 66 -3.12 -17.40 -2.29
C TYR D 66 -3.94 -16.84 -1.12
N TRP D 67 -3.89 -15.51 -0.93
CA TRP D 67 -4.64 -14.86 0.14
C TRP D 67 -6.12 -15.19 0.02
N TYR D 68 -6.64 -15.09 -1.21
CA TYR D 68 -8.03 -15.43 -1.50
C TYR D 68 -8.26 -16.91 -1.19
N MET D 69 -7.42 -17.77 -1.76
CA MET D 69 -7.65 -19.20 -1.53
C MET D 69 -7.59 -19.49 -0.04
N ARG D 70 -6.54 -19.00 0.64
CA ARG D 70 -6.40 -19.14 2.08
C ARG D 70 -7.68 -18.81 2.86
N ASP D 71 -8.38 -17.76 2.45
CA ASP D 71 -9.63 -17.41 3.14
C ASP D 71 -10.71 -18.43 2.77
N TYR D 72 -10.73 -18.83 1.51
CA TYR D 72 -11.80 -19.68 1.02
C TYR D 72 -11.76 -20.98 1.79
N TRP D 73 -10.57 -21.59 1.84
CA TRP D 73 -10.39 -22.85 2.57
C TRP D 73 -10.80 -22.71 4.02
N SER D 74 -10.48 -21.58 4.65
CA SER D 74 -10.89 -21.33 6.01
C SER D 74 -12.40 -21.26 6.11
N GLY D 75 -13.06 -20.82 5.02
CA GLY D 75 -14.51 -20.70 5.01
C GLY D 75 -15.20 -22.05 4.83
N PHE D 76 -14.89 -22.71 3.70
CA PHE D 76 -15.67 -23.84 3.23
C PHE D 76 -14.89 -25.14 3.27
N ALA D 77 -13.61 -25.08 3.63
CA ALA D 77 -12.78 -26.27 3.76
C ALA D 77 -12.79 -27.06 2.45
N GLU D 78 -12.66 -26.35 1.33
CA GLU D 78 -12.52 -26.96 0.02
C GLU D 78 -11.85 -25.99 -0.94
N SER D 79 -10.79 -26.45 -1.61
CA SER D 79 -10.05 -25.65 -2.58
C SER D 79 -10.21 -26.26 -3.97
N PRO D 80 -11.19 -25.82 -4.78
CA PRO D 80 -11.38 -26.39 -6.12
C PRO D 80 -10.20 -26.14 -7.04
N VAL D 81 -9.81 -27.17 -7.79
CA VAL D 81 -8.53 -27.19 -8.49
C VAL D 81 -8.55 -26.13 -9.58
N PHE D 82 -9.69 -26.00 -10.27
CA PHE D 82 -9.82 -25.11 -11.40
C PHE D 82 -9.49 -23.68 -10.98
N PHE D 83 -9.80 -23.34 -9.71
CA PHE D 83 -9.59 -22.00 -9.20
C PHE D 83 -8.10 -21.65 -9.20
N ARG D 84 -7.24 -22.65 -9.01
CA ARG D 84 -5.82 -22.39 -9.06
C ARG D 84 -5.42 -21.82 -10.42
N TYR D 85 -6.21 -22.16 -11.46
CA TYR D 85 -5.82 -21.83 -12.81
C TYR D 85 -5.77 -20.32 -12.99
N VAL D 86 -6.65 -19.62 -12.25
CA VAL D 86 -6.65 -18.16 -12.14
C VAL D 86 -5.21 -17.65 -12.06
N ASP D 87 -4.42 -18.27 -11.18
CA ASP D 87 -3.04 -17.86 -10.99
C ASP D 87 -2.19 -18.42 -12.14
N TRP D 88 -2.26 -19.73 -12.38
CA TRP D 88 -1.35 -20.40 -13.31
C TRP D 88 -1.37 -19.80 -14.70
N VAL D 89 -2.58 -19.50 -15.22
CA VAL D 89 -2.68 -18.96 -16.56
C VAL D 89 -1.87 -17.66 -16.68
N LEU D 90 -1.72 -16.91 -15.57
CA LEU D 90 -1.00 -15.64 -15.58
C LEU D 90 0.50 -15.89 -15.37
N THR D 91 0.87 -16.80 -14.46
CA THR D 91 2.24 -16.87 -13.99
C THR D 91 3.09 -17.71 -14.93
N VAL D 92 2.56 -18.87 -15.34
CA VAL D 92 3.32 -19.80 -16.16
C VAL D 92 3.90 -19.11 -17.40
N PRO D 93 3.14 -18.25 -18.10
CA PRO D 93 3.71 -17.43 -19.16
C PRO D 93 4.86 -16.55 -18.73
N LEU D 94 4.74 -15.88 -17.58
CA LEU D 94 5.79 -14.95 -17.17
C LEU D 94 7.11 -15.71 -17.00
N MET D 95 7.05 -16.87 -16.35
CA MET D 95 8.22 -17.70 -16.16
C MET D 95 8.90 -18.01 -17.49
N CYS D 96 8.08 -18.37 -18.49
CA CYS D 96 8.57 -18.57 -19.85
C CYS D 96 9.27 -17.31 -20.36
N VAL D 97 8.67 -16.15 -20.08
CA VAL D 97 9.24 -14.89 -20.52
C VAL D 97 10.63 -14.75 -19.92
N GLU D 98 10.79 -15.27 -18.70
CA GLU D 98 12.07 -15.25 -17.99
C GLU D 98 13.19 -15.94 -18.77
N PHE D 99 12.86 -16.85 -19.70
CA PHE D 99 13.89 -17.40 -20.58
C PHE D 99 14.40 -16.31 -21.52
N TYR D 100 13.50 -15.42 -21.96
CA TYR D 100 13.89 -14.41 -22.95
C TYR D 100 14.79 -13.37 -22.30
N LEU D 101 14.45 -12.99 -21.05
CA LEU D 101 15.08 -11.87 -20.37
C LEU D 101 16.52 -12.20 -19.97
N ILE D 102 16.82 -13.49 -19.79
CA ILE D 102 18.18 -13.92 -19.46
C ILE D 102 19.10 -13.88 -20.67
N LEU D 103 18.55 -14.23 -21.85
CA LEU D 103 19.34 -14.37 -23.06
C LEU D 103 19.20 -13.13 -23.93
N LYS D 104 18.57 -12.06 -23.40
CA LYS D 104 18.33 -10.86 -24.19
C LYS D 104 19.66 -10.16 -24.50
N VAL D 105 20.58 -10.22 -23.54
CA VAL D 105 21.89 -9.57 -23.70
C VAL D 105 22.77 -10.45 -24.58
N ALA D 106 22.44 -11.75 -24.67
CA ALA D 106 23.19 -12.70 -25.49
C ALA D 106 22.76 -12.62 -26.96
N GLY D 107 21.65 -11.93 -27.23
CA GLY D 107 21.17 -11.75 -28.58
C GLY D 107 20.00 -12.67 -28.88
N ALA D 108 19.00 -12.63 -27.99
CA ALA D 108 17.76 -13.38 -28.19
C ALA D 108 16.80 -12.57 -29.04
N LYS D 109 15.98 -13.28 -29.83
CA LYS D 109 15.04 -12.68 -30.75
C LYS D 109 13.63 -12.81 -30.18
N LYS D 110 12.84 -11.75 -30.37
CA LYS D 110 11.49 -11.67 -29.87
C LYS D 110 10.67 -12.86 -30.35
N SER D 111 11.05 -13.45 -31.51
CA SER D 111 10.38 -14.62 -32.05
C SER D 111 10.35 -15.72 -30.99
N LEU D 112 11.46 -15.89 -30.27
CA LEU D 112 11.58 -16.91 -29.24
C LEU D 112 10.59 -16.58 -28.11
N MET D 113 10.57 -15.31 -27.73
CA MET D 113 9.70 -14.87 -26.65
C MET D 113 8.23 -15.17 -27.00
N TRP D 114 7.81 -14.72 -28.18
CA TRP D 114 6.46 -14.95 -28.66
C TRP D 114 6.12 -16.44 -28.68
N LYS D 115 7.04 -17.26 -29.21
CA LYS D 115 6.84 -18.70 -29.23
C LYS D 115 6.52 -19.15 -27.81
N LEU D 116 7.44 -18.87 -26.88
CA LEU D 116 7.29 -19.34 -25.52
C LEU D 116 5.92 -18.94 -24.97
N ILE D 117 5.59 -17.63 -25.05
CA ILE D 117 4.33 -17.16 -24.51
C ILE D 117 3.16 -17.96 -25.10
N PHE D 118 3.13 -18.02 -26.45
CA PHE D 118 2.14 -18.77 -27.20
C PHE D 118 2.00 -20.18 -26.61
N LEU D 119 3.14 -20.90 -26.56
CA LEU D 119 3.08 -22.27 -26.08
C LEU D 119 2.46 -22.31 -24.68
N SER D 120 3.02 -21.50 -23.77
CA SER D 120 2.60 -21.51 -22.37
C SER D 120 1.12 -21.21 -22.23
N VAL D 121 0.65 -20.16 -22.94
CA VAL D 121 -0.77 -19.86 -22.86
C VAL D 121 -1.58 -21.06 -23.34
N VAL D 122 -1.24 -21.62 -24.53
CA VAL D 122 -2.04 -22.69 -25.07
C VAL D 122 -2.08 -23.81 -24.02
N MET D 123 -0.89 -24.21 -23.57
CA MET D 123 -0.83 -25.24 -22.55
C MET D 123 -1.81 -25.02 -21.40
N LEU D 124 -1.80 -23.80 -20.82
CA LEU D 124 -2.65 -23.52 -19.67
C LEU D 124 -4.13 -23.43 -20.04
N VAL D 125 -4.47 -22.84 -21.20
CA VAL D 125 -5.85 -22.81 -21.66
C VAL D 125 -6.35 -24.23 -21.89
N THR D 126 -5.57 -25.04 -22.62
CA THR D 126 -5.97 -26.42 -22.87
C THR D 126 -6.23 -27.11 -21.54
N GLY D 127 -5.29 -26.94 -20.60
CA GLY D 127 -5.46 -27.45 -19.24
C GLY D 127 -6.79 -27.03 -18.64
N TYR D 128 -7.10 -25.72 -18.71
CA TYR D 128 -8.32 -25.17 -18.13
C TYR D 128 -9.57 -25.75 -18.80
N PHE D 129 -9.50 -25.98 -20.13
CA PHE D 129 -10.61 -26.59 -20.86
C PHE D 129 -10.81 -28.02 -20.38
N GLY D 130 -9.70 -28.77 -20.30
CA GLY D 130 -9.72 -30.13 -19.75
C GLY D 130 -10.35 -30.22 -18.38
N GLU D 131 -10.13 -29.21 -17.52
CA GLU D 131 -10.47 -29.29 -16.11
C GLU D 131 -11.80 -28.64 -15.77
N ALA D 132 -12.28 -27.71 -16.61
CA ALA D 132 -13.41 -26.87 -16.23
C ALA D 132 -14.61 -27.06 -17.16
N VAL D 133 -14.41 -26.85 -18.46
CA VAL D 133 -15.54 -26.77 -19.39
C VAL D 133 -15.88 -28.17 -19.89
N ASP D 134 -14.86 -28.95 -20.29
CA ASP D 134 -15.07 -30.23 -20.97
C ASP D 134 -14.31 -31.35 -20.27
N ARG D 135 -14.96 -31.99 -19.28
CA ARG D 135 -14.30 -32.99 -18.45
C ARG D 135 -14.41 -34.37 -19.06
N GLY D 136 -15.45 -34.59 -19.87
CA GLY D 136 -15.65 -35.87 -20.53
C GLY D 136 -14.51 -36.19 -21.49
N ASN D 137 -14.04 -35.14 -22.18
CA ASN D 137 -13.00 -35.26 -23.22
C ASN D 137 -11.70 -34.66 -22.66
N ALA D 138 -11.51 -34.81 -21.34
CA ALA D 138 -10.38 -34.19 -20.65
C ALA D 138 -9.05 -34.77 -21.11
N TRP D 139 -9.04 -36.05 -21.48
CA TRP D 139 -7.83 -36.76 -21.85
C TRP D 139 -7.20 -36.13 -23.10
N LEU D 140 -8.03 -35.71 -24.06
CA LEU D 140 -7.53 -35.13 -25.30
C LEU D 140 -6.87 -33.79 -25.00
N TRP D 141 -7.58 -32.96 -24.22
CA TRP D 141 -7.06 -31.68 -23.78
C TRP D 141 -5.72 -31.89 -23.04
N GLY D 142 -5.73 -32.82 -22.09
CA GLY D 142 -4.49 -33.28 -21.47
C GLY D 142 -3.39 -33.47 -22.52
N LEU D 143 -3.73 -34.27 -23.55
CA LEU D 143 -2.78 -34.66 -24.58
C LEU D 143 -2.21 -33.42 -25.25
N PHE D 144 -3.09 -32.52 -25.67
CA PHE D 144 -2.69 -31.25 -26.25
C PHE D 144 -1.78 -30.46 -25.31
N SER D 145 -2.20 -30.29 -24.03
CA SER D 145 -1.36 -29.60 -23.07
C SER D 145 0.00 -30.28 -22.95
N GLY D 146 -0.05 -31.63 -22.80
CA GLY D 146 1.15 -32.45 -22.76
C GLY D 146 2.12 -32.07 -23.89
N VAL D 147 1.55 -31.94 -25.09
CA VAL D 147 2.35 -31.75 -26.27
C VAL D 147 3.01 -30.38 -26.17
N ALA D 148 2.24 -29.39 -25.73
CA ALA D 148 2.74 -28.05 -25.51
C ALA D 148 3.85 -28.04 -24.44
N TYR D 149 3.65 -28.79 -23.35
CA TYR D 149 4.73 -28.94 -22.38
C TYR D 149 6.00 -29.47 -23.05
N PHE D 150 5.89 -30.65 -23.73
CA PHE D 150 7.05 -31.36 -24.28
C PHE D 150 7.80 -30.39 -25.17
N TRP D 151 7.04 -29.66 -26.00
CA TRP D 151 7.63 -28.77 -26.99
C TRP D 151 8.50 -27.75 -26.24
N ILE D 152 7.94 -27.21 -25.14
CA ILE D 152 8.64 -26.21 -24.38
C ILE D 152 9.87 -26.83 -23.71
N VAL D 153 9.74 -27.98 -23.06
CA VAL D 153 10.90 -28.65 -22.51
C VAL D 153 11.94 -28.97 -23.60
N ILE D 154 11.55 -29.39 -24.83
CA ILE D 154 12.54 -29.67 -25.87
C ILE D 154 13.22 -28.37 -26.29
N GLU D 155 12.42 -27.31 -26.42
CA GLU D 155 12.98 -26.03 -26.82
C GLU D 155 14.08 -25.62 -25.84
N ILE D 156 13.81 -25.73 -24.54
CA ILE D 156 14.69 -25.17 -23.53
C ILE D 156 15.90 -26.08 -23.31
N TRP D 157 15.74 -27.39 -23.51
CA TRP D 157 16.81 -28.33 -23.26
C TRP D 157 17.74 -28.45 -24.46
N PHE D 158 17.20 -28.59 -25.68
CA PHE D 158 18.01 -28.86 -26.86
C PHE D 158 17.80 -27.82 -27.96
N GLY D 159 16.89 -26.85 -27.74
CA GLY D 159 16.58 -25.87 -28.75
C GLY D 159 17.56 -24.70 -28.70
N LYS D 160 17.13 -23.58 -29.31
CA LYS D 160 18.00 -22.44 -29.53
C LYS D 160 18.35 -21.77 -28.20
N ALA D 161 17.48 -21.88 -27.18
CA ALA D 161 17.68 -21.21 -25.91
C ALA D 161 19.01 -21.59 -25.25
N LYS D 162 19.30 -22.90 -25.25
CA LYS D 162 20.50 -23.34 -24.57
C LYS D 162 21.72 -22.98 -25.40
N LYS D 163 21.59 -22.98 -26.74
CA LYS D 163 22.70 -22.65 -27.61
C LYS D 163 23.07 -21.18 -27.43
N LEU D 164 22.06 -20.32 -27.26
CA LEU D 164 22.27 -18.91 -27.01
C LEU D 164 22.92 -18.69 -25.64
N ALA D 165 22.52 -19.50 -24.66
CA ALA D 165 23.08 -19.41 -23.33
C ALA D 165 24.56 -19.83 -23.33
N VAL D 166 24.90 -20.89 -24.08
CA VAL D 166 26.25 -21.40 -24.14
C VAL D 166 27.14 -20.40 -24.88
N ALA D 167 26.60 -19.76 -25.93
CA ALA D 167 27.31 -18.72 -26.66
C ALA D 167 27.68 -17.58 -25.72
N ALA D 168 26.72 -17.14 -24.89
CA ALA D 168 26.97 -16.17 -23.84
C ALA D 168 27.96 -16.75 -22.83
N GLY D 169 27.68 -17.98 -22.39
CA GLY D 169 28.63 -18.79 -21.64
C GLY D 169 28.74 -18.28 -20.21
N GLY D 170 29.18 -19.17 -19.30
CA GLY D 170 29.47 -18.77 -17.93
C GLY D 170 28.22 -18.78 -17.06
N ASP D 171 28.09 -17.80 -16.18
CA ASP D 171 27.03 -17.71 -15.18
C ASP D 171 25.64 -17.75 -15.83
N VAL D 172 25.48 -17.06 -16.97
CA VAL D 172 24.22 -17.01 -17.68
C VAL D 172 23.80 -18.42 -18.08
N LEU D 173 24.77 -19.26 -18.48
CA LEU D 173 24.50 -20.65 -18.83
C LEU D 173 24.02 -21.38 -17.58
N ALA D 174 24.80 -21.27 -16.51
CA ALA D 174 24.55 -22.07 -15.32
C ALA D 174 23.10 -21.92 -14.86
N ALA D 175 22.74 -20.66 -14.55
CA ALA D 175 21.40 -20.31 -14.09
C ALA D 175 20.30 -20.82 -15.03
N HIS D 176 20.57 -20.75 -16.35
CA HIS D 176 19.71 -21.39 -17.34
C HIS D 176 19.48 -22.85 -16.98
N LYS D 177 20.56 -23.60 -16.74
CA LYS D 177 20.34 -25.03 -16.62
C LYS D 177 19.33 -25.25 -15.50
N THR D 178 19.61 -24.59 -14.37
CA THR D 178 18.87 -24.83 -13.14
C THR D 178 17.38 -24.53 -13.32
N LEU D 179 17.09 -23.43 -14.04
CA LEU D 179 15.76 -23.17 -14.55
C LEU D 179 15.19 -24.40 -15.29
N CYS D 180 15.98 -24.99 -16.21
CA CYS D 180 15.47 -26.13 -16.96
C CYS D 180 15.11 -27.26 -16.00
N TRP D 181 15.94 -27.42 -14.94
CA TRP D 181 15.61 -28.44 -13.97
C TRP D 181 14.28 -28.15 -13.29
N PHE D 182 14.13 -26.91 -12.78
CA PHE D 182 12.86 -26.43 -12.23
C PHE D 182 11.68 -26.62 -13.18
N VAL D 183 11.83 -26.27 -14.46
CA VAL D 183 10.79 -26.65 -15.41
C VAL D 183 10.63 -28.18 -15.45
N LEU D 184 11.74 -28.92 -15.63
CA LEU D 184 11.63 -30.35 -15.89
C LEU D 184 11.05 -31.06 -14.67
N VAL D 185 11.61 -30.80 -13.48
CA VAL D 185 11.25 -31.59 -12.32
C VAL D 185 10.20 -30.83 -11.51
N GLY D 186 10.41 -29.53 -11.32
CA GLY D 186 9.49 -28.74 -10.50
C GLY D 186 8.07 -28.81 -11.03
N TRP D 187 7.91 -28.53 -12.33
CA TRP D 187 6.56 -28.44 -12.89
C TRP D 187 5.85 -29.79 -12.98
N ALA D 188 6.62 -30.88 -13.04
CA ALA D 188 6.10 -32.23 -13.30
C ALA D 188 4.92 -32.59 -12.40
N ILE D 189 4.84 -31.99 -11.21
CA ILE D 189 3.79 -32.28 -10.25
C ILE D 189 2.42 -31.84 -10.78
N TYR D 190 2.39 -30.85 -11.69
CA TYR D 190 1.10 -30.34 -12.15
C TYR D 190 0.40 -31.34 -13.08
N PRO D 191 1.03 -31.80 -14.19
CA PRO D 191 0.48 -32.90 -14.99
C PRO D 191 0.01 -34.11 -14.19
N ILE D 192 0.79 -34.49 -13.17
CA ILE D 192 0.41 -35.62 -12.33
C ILE D 192 -0.93 -35.34 -11.65
N GLY D 193 -1.07 -34.14 -11.07
CA GLY D 193 -2.28 -33.80 -10.34
C GLY D 193 -3.52 -33.88 -11.24
N TYR D 194 -3.36 -33.47 -12.50
CA TYR D 194 -4.41 -33.63 -13.50
C TYR D 194 -4.89 -35.08 -13.53
N MET D 195 -3.93 -36.03 -13.59
CA MET D 195 -4.25 -37.45 -13.68
C MET D 195 -5.09 -37.87 -12.48
N ALA D 196 -4.78 -37.30 -11.31
CA ALA D 196 -5.49 -37.63 -10.08
C ALA D 196 -6.84 -36.91 -10.00
N GLY D 197 -7.07 -35.94 -10.90
CA GLY D 197 -8.25 -35.09 -10.84
C GLY D 197 -9.38 -35.56 -11.77
N THR D 198 -9.01 -36.10 -12.94
CA THR D 198 -9.97 -36.45 -13.96
C THR D 198 -10.03 -37.95 -14.17
N PRO D 199 -11.21 -38.52 -14.52
CA PRO D 199 -11.30 -39.92 -14.94
C PRO D 199 -10.71 -40.13 -16.33
N GLY D 200 -10.31 -41.37 -16.61
CA GLY D 200 -9.80 -41.72 -17.93
C GLY D 200 -9.08 -43.07 -17.91
N TRP D 201 -7.95 -43.15 -18.62
CA TRP D 201 -7.14 -44.36 -18.68
C TRP D 201 -6.03 -44.34 -17.64
N TYR D 202 -5.93 -43.25 -16.86
CA TYR D 202 -5.01 -43.14 -15.75
C TYR D 202 -5.83 -43.09 -14.46
N ASP D 203 -5.66 -44.10 -13.59
CA ASP D 203 -6.19 -44.05 -12.23
C ASP D 203 -5.08 -43.64 -11.26
N SER D 204 -4.28 -42.63 -11.63
CA SER D 204 -3.11 -42.23 -10.87
C SER D 204 -3.57 -41.69 -9.53
N ILE D 205 -3.53 -42.51 -8.47
CA ILE D 205 -3.58 -42.03 -7.10
C ILE D 205 -2.38 -42.68 -6.37
N PHE D 206 -1.43 -41.84 -5.96
CA PHE D 206 -0.15 -42.28 -5.42
C PHE D 206 0.01 -41.78 -3.99
N GLY D 207 -0.01 -42.71 -3.02
CA GLY D 207 0.21 -42.37 -1.63
C GLY D 207 -1.02 -41.73 -0.99
N GLY D 208 -0.94 -41.62 0.34
CA GLY D 208 -2.01 -41.02 1.14
C GLY D 208 -1.90 -39.50 1.21
N TRP D 209 -0.94 -38.90 0.50
CA TRP D 209 -0.69 -37.47 0.59
C TRP D 209 -1.78 -36.70 -0.18
N ASP D 210 -2.19 -35.57 0.41
CA ASP D 210 -3.25 -34.72 -0.12
C ASP D 210 -2.67 -33.68 -1.07
N LEU D 211 -3.13 -33.73 -2.33
CA LEU D 211 -2.55 -32.97 -3.42
C LEU D 211 -2.51 -31.47 -3.10
N ASN D 212 -3.52 -31.00 -2.37
CA ASN D 212 -3.56 -29.61 -1.95
C ASN D 212 -2.23 -29.23 -1.30
N VAL D 213 -1.79 -30.05 -0.33
CA VAL D 213 -0.57 -29.78 0.40
C VAL D 213 0.62 -29.73 -0.57
N ILE D 214 0.66 -30.68 -1.51
CA ILE D 214 1.73 -30.71 -2.49
C ILE D 214 1.63 -29.47 -3.39
N TYR D 215 0.41 -29.10 -3.79
CA TYR D 215 0.25 -27.86 -4.55
C TYR D 215 0.79 -26.69 -3.73
N ASN D 216 0.37 -26.54 -2.46
CA ASN D 216 0.76 -25.33 -1.71
C ASN D 216 2.29 -25.24 -1.58
N ILE D 217 2.98 -26.37 -1.26
CA ILE D 217 4.43 -26.33 -1.10
C ILE D 217 5.09 -26.11 -2.44
N GLY D 218 4.73 -26.94 -3.43
CA GLY D 218 5.29 -26.86 -4.77
C GLY D 218 5.20 -25.44 -5.34
N ASP D 219 3.97 -24.86 -5.28
CA ASP D 219 3.76 -23.54 -5.87
C ASP D 219 4.83 -22.58 -5.38
N ALA D 220 4.93 -22.48 -4.04
CA ALA D 220 5.84 -21.56 -3.38
C ALA D 220 7.29 -21.86 -3.76
N ILE D 221 7.66 -23.15 -3.72
CA ILE D 221 9.00 -23.55 -4.11
C ILE D 221 9.23 -23.06 -5.54
N ASN D 222 8.38 -23.50 -6.48
CA ASN D 222 8.61 -23.23 -7.89
C ASN D 222 8.87 -21.73 -8.09
N LYS D 223 7.95 -20.89 -7.64
CA LYS D 223 8.01 -19.46 -7.90
C LYS D 223 9.10 -18.71 -7.13
N ILE D 224 9.25 -19.03 -5.84
CA ILE D 224 10.35 -18.47 -5.06
C ILE D 224 11.69 -18.96 -5.62
N GLY D 225 11.71 -20.20 -6.10
CA GLY D 225 12.87 -20.77 -6.74
C GLY D 225 13.33 -19.96 -7.94
N PHE D 226 12.40 -19.80 -8.87
CA PHE D 226 12.68 -18.98 -10.04
C PHE D 226 13.34 -17.68 -9.60
N GLY D 227 12.57 -16.93 -8.79
CA GLY D 227 13.05 -15.67 -8.29
C GLY D 227 14.46 -15.69 -7.77
N LEU D 228 14.76 -16.63 -6.83
CA LEU D 228 16.08 -16.76 -6.23
C LEU D 228 17.14 -17.02 -7.30
N VAL D 229 16.76 -17.73 -8.37
CA VAL D 229 17.76 -17.97 -9.39
C VAL D 229 18.05 -16.66 -10.12
N ILE D 230 17.02 -16.03 -10.65
CA ILE D 230 17.25 -14.80 -11.40
C ILE D 230 18.05 -13.82 -10.53
N TYR D 231 17.62 -13.62 -9.27
CA TYR D 231 18.33 -12.76 -8.35
C TYR D 231 19.79 -13.17 -8.15
N ASN D 232 20.06 -14.48 -8.06
CA ASN D 232 21.41 -14.99 -7.91
C ASN D 232 22.22 -14.60 -9.13
N LEU D 233 21.58 -14.61 -10.30
CA LEU D 233 22.30 -14.35 -11.53
C LEU D 233 22.70 -12.87 -11.54
N ALA D 234 21.77 -12.02 -11.11
CA ALA D 234 22.00 -10.60 -11.09
C ALA D 234 23.10 -10.23 -10.11
N VAL D 235 23.11 -10.89 -8.95
CA VAL D 235 24.06 -10.55 -7.91
C VAL D 235 25.45 -10.99 -8.32
N GLN D 236 25.57 -12.16 -8.95
CA GLN D 236 26.86 -12.69 -9.36
C GLN D 236 27.39 -11.94 -10.59
N ALA D 237 26.52 -11.19 -11.26
CA ALA D 237 26.93 -10.45 -12.46
C ALA D 237 27.34 -9.02 -12.13
N THR D 238 26.87 -8.49 -10.98
CA THR D 238 27.12 -7.10 -10.62
C THR D 238 28.35 -7.00 -9.74
N ASN D 239 28.61 -8.01 -8.91
CA ASN D 239 29.71 -7.98 -7.96
C ASN D 239 31.05 -8.14 -8.69
N LYS D 240 31.05 -8.76 -9.87
CA LYS D 240 32.24 -8.91 -10.68
C LYS D 240 32.24 -7.84 -11.78
N VAL E 11 -16.00 -9.13 20.51
CA VAL E 11 -15.30 -7.95 19.91
C VAL E 11 -15.16 -6.85 20.96
N ARG E 12 -15.99 -6.90 22.02
CA ARG E 12 -15.94 -5.92 23.10
C ARG E 12 -14.60 -6.06 23.84
N LEU E 13 -14.00 -4.91 24.18
CA LEU E 13 -12.71 -4.90 24.85
C LEU E 13 -12.93 -4.93 26.37
N ALA E 14 -11.98 -5.54 27.07
CA ALA E 14 -11.98 -5.57 28.53
C ALA E 14 -10.69 -4.93 29.01
N ALA E 15 -10.74 -4.26 30.17
CA ALA E 15 -9.61 -3.53 30.70
C ALA E 15 -8.51 -4.49 31.17
N ASP E 16 -8.92 -5.66 31.65
CA ASP E 16 -8.02 -6.63 32.28
C ASP E 16 -7.43 -7.59 31.25
N ASP E 17 -7.81 -7.43 29.97
CA ASP E 17 -7.35 -8.33 28.91
C ASP E 17 -5.93 -7.92 28.51
N TYR E 18 -4.94 -8.43 29.25
CA TYR E 18 -3.55 -8.07 29.05
C TYR E 18 -2.98 -8.77 27.81
N VAL E 19 -3.56 -9.92 27.47
CA VAL E 19 -3.19 -10.59 26.25
C VAL E 19 -3.62 -9.71 25.08
N GLY E 20 -4.89 -9.29 25.09
CA GLY E 20 -5.39 -8.39 24.07
C GLY E 20 -4.41 -7.25 23.83
N PHE E 21 -4.05 -6.59 24.92
CA PHE E 21 -3.25 -5.39 24.84
C PHE E 21 -1.94 -5.71 24.13
N THR E 22 -1.38 -6.88 24.43
CA THR E 22 -0.02 -7.16 23.98
C THR E 22 -0.08 -7.53 22.50
N PHE E 23 -1.21 -8.11 22.06
CA PHE E 23 -1.40 -8.33 20.63
C PHE E 23 -1.43 -6.99 19.89
N PHE E 24 -2.25 -6.04 20.38
CA PHE E 24 -2.40 -4.76 19.71
C PHE E 24 -1.09 -3.99 19.68
N VAL E 25 -0.32 -4.07 20.77
CA VAL E 25 0.93 -3.36 20.81
C VAL E 25 1.89 -4.00 19.82
N GLY E 26 2.00 -5.33 19.91
CA GLY E 26 2.93 -6.09 19.10
C GLY E 26 2.62 -5.88 17.62
N CYS E 27 1.35 -6.05 17.26
CA CYS E 27 0.97 -5.80 15.88
C CYS E 27 1.40 -4.42 15.39
N MET E 28 1.16 -3.36 16.23
CA MET E 28 1.45 -1.98 15.86
C MET E 28 2.95 -1.75 15.76
N ALA E 29 3.71 -2.27 16.75
CA ALA E 29 5.16 -2.10 16.80
C ALA E 29 5.82 -2.84 15.63
N MET E 30 5.30 -4.02 15.28
CA MET E 30 5.90 -4.74 14.15
C MET E 30 5.63 -3.96 12.85
N MET E 31 4.38 -3.51 12.67
CA MET E 31 4.05 -2.71 11.50
C MET E 31 4.94 -1.46 11.35
N ALA E 32 5.23 -0.81 12.49
CA ALA E 32 6.07 0.37 12.48
C ALA E 32 7.51 0.06 12.10
N ALA E 33 8.11 -0.90 12.82
CA ALA E 33 9.43 -1.41 12.47
C ALA E 33 9.50 -1.80 10.98
N SER E 34 8.51 -2.55 10.47
CA SER E 34 8.61 -2.98 9.07
C SER E 34 8.74 -1.79 8.14
N ALA E 35 7.94 -0.74 8.44
CA ALA E 35 7.98 0.51 7.71
C ALA E 35 9.34 1.15 7.86
N PHE E 36 9.89 1.05 9.08
CA PHE E 36 11.09 1.79 9.44
C PHE E 36 12.29 1.28 8.66
N PHE E 37 12.40 -0.05 8.50
CA PHE E 37 13.49 -0.64 7.73
C PHE E 37 13.24 -0.49 6.22
N PHE E 38 12.01 -0.75 5.77
CA PHE E 38 11.74 -0.55 4.35
C PHE E 38 12.06 0.89 3.92
N LEU E 39 11.73 1.88 4.76
CA LEU E 39 11.88 3.26 4.35
C LEU E 39 13.28 3.77 4.64
N SER E 40 14.05 3.04 5.46
CA SER E 40 15.42 3.45 5.73
C SER E 40 16.37 2.87 4.71
N MET E 41 15.92 1.80 4.03
CA MET E 41 16.74 1.10 3.04
C MET E 41 17.58 2.09 2.22
N SER E 42 16.95 3.19 1.76
CA SER E 42 17.50 4.07 0.74
C SER E 42 18.63 4.95 1.27
N SER E 43 18.81 5.03 2.61
CA SER E 43 19.80 5.95 3.17
C SER E 43 21.14 5.25 3.41
N PHE E 44 21.44 4.19 2.65
CA PHE E 44 22.61 3.37 2.93
C PHE E 44 23.40 3.07 1.65
N GLU E 45 24.65 2.67 1.88
CA GLU E 45 25.55 2.27 0.82
C GLU E 45 24.99 0.99 0.20
N ARG E 46 25.53 0.65 -0.97
CA ARG E 46 24.96 -0.37 -1.84
C ARG E 46 24.89 -1.73 -1.13
N LYS E 47 25.93 -2.06 -0.35
CA LYS E 47 26.13 -3.44 0.07
C LYS E 47 25.27 -3.76 1.29
N TRP E 48 25.00 -2.76 2.13
CA TRP E 48 24.29 -2.99 3.39
C TRP E 48 22.80 -3.22 3.15
N ARG E 49 22.22 -2.51 2.18
CA ARG E 49 20.77 -2.50 1.98
C ARG E 49 20.14 -3.89 2.14
N THR E 50 20.69 -4.92 1.48
CA THR E 50 20.02 -6.21 1.50
C THR E 50 19.85 -6.69 2.94
N SER E 51 20.86 -6.45 3.78
CA SER E 51 20.81 -6.93 5.15
C SER E 51 19.68 -6.24 5.90
N ILE E 52 19.50 -4.93 5.65
CA ILE E 52 18.39 -4.23 6.28
C ILE E 52 17.10 -4.86 5.70
N LEU E 53 16.99 -4.81 4.37
CA LEU E 53 15.78 -5.23 3.68
C LEU E 53 15.20 -6.48 4.32
N VAL E 54 16.05 -7.54 4.43
CA VAL E 54 15.63 -8.80 5.04
C VAL E 54 15.11 -8.62 6.48
N SER E 55 15.78 -7.75 7.27
CA SER E 55 15.28 -7.49 8.61
C SER E 55 13.85 -6.97 8.52
N GLY E 56 13.64 -5.99 7.66
CA GLY E 56 12.27 -5.54 7.43
C GLY E 56 11.30 -6.69 7.12
N LEU E 57 11.62 -7.44 6.01
CA LEU E 57 10.85 -8.65 5.78
C LEU E 57 10.42 -9.39 7.06
N ILE E 58 11.40 -9.72 7.91
CA ILE E 58 11.13 -10.40 9.18
C ILE E 58 10.05 -9.68 9.96
N THR E 59 10.24 -8.37 10.23
CA THR E 59 9.17 -7.69 10.97
C THR E 59 7.87 -7.74 10.15
N PHE E 60 8.01 -7.59 8.83
CA PHE E 60 6.82 -7.53 8.01
C PHE E 60 5.96 -8.80 8.12
N ILE E 61 6.60 -9.98 7.96
CA ILE E 61 5.82 -11.22 8.07
C ILE E 61 5.11 -11.26 9.43
N ALA E 62 5.87 -11.03 10.52
CA ALA E 62 5.30 -10.92 11.85
C ALA E 62 4.14 -9.90 11.92
N ALA E 63 4.36 -8.65 11.50
CA ALA E 63 3.22 -7.70 11.50
C ALA E 63 1.93 -8.28 10.91
N VAL E 64 2.05 -8.88 9.71
CA VAL E 64 0.87 -9.37 9.02
C VAL E 64 0.26 -10.54 9.78
N HIS E 65 1.11 -11.47 10.29
CA HIS E 65 0.57 -12.57 11.07
C HIS E 65 -0.02 -12.04 12.39
N TYR E 66 0.68 -11.13 13.05
CA TYR E 66 0.16 -10.61 14.32
C TYR E 66 -1.21 -9.98 14.14
N TRP E 67 -1.41 -9.26 13.01
CA TRP E 67 -2.69 -8.65 12.69
C TRP E 67 -3.80 -9.69 12.72
N TYR E 68 -3.51 -10.84 12.07
CA TYR E 68 -4.45 -11.95 12.04
C TYR E 68 -4.69 -12.45 13.46
N MET E 69 -3.59 -12.75 14.18
CA MET E 69 -3.77 -13.29 15.52
C MET E 69 -4.56 -12.30 16.38
N ARG E 70 -4.17 -11.02 16.35
CA ARG E 70 -4.88 -9.97 17.09
C ARG E 70 -6.39 -10.04 16.89
N ASP E 71 -6.85 -10.31 15.65
CA ASP E 71 -8.29 -10.41 15.42
C ASP E 71 -8.81 -11.70 16.04
N TYR E 72 -8.03 -12.77 15.90
CA TYR E 72 -8.50 -14.09 16.29
C TYR E 72 -8.77 -14.06 17.79
N TRP E 73 -7.78 -13.59 18.56
CA TRP E 73 -7.94 -13.54 20.01
C TRP E 73 -9.15 -12.70 20.41
N SER E 74 -9.38 -11.60 19.70
CA SER E 74 -10.54 -10.78 19.96
C SER E 74 -11.83 -11.56 19.65
N GLY E 75 -11.75 -12.51 18.72
CA GLY E 75 -12.89 -13.33 18.34
C GLY E 75 -13.17 -14.43 19.36
N PHE E 76 -12.18 -15.30 19.59
CA PHE E 76 -12.39 -16.56 20.28
C PHE E 76 -11.69 -16.59 21.64
N ALA E 77 -10.89 -15.57 21.94
CA ALA E 77 -10.21 -15.47 23.22
C ALA E 77 -9.38 -16.73 23.47
N GLU E 78 -8.68 -17.19 22.42
CA GLU E 78 -7.75 -18.29 22.53
C GLU E 78 -6.77 -18.25 21.35
N SER E 79 -5.47 -18.29 21.65
CA SER E 79 -4.42 -18.21 20.65
C SER E 79 -3.64 -19.51 20.60
N PRO E 80 -4.02 -20.49 19.72
CA PRO E 80 -3.33 -21.76 19.64
C PRO E 80 -1.86 -21.62 19.25
N VAL E 81 -1.01 -22.37 19.94
CA VAL E 81 0.43 -22.15 19.90
C VAL E 81 0.94 -22.51 18.51
N PHE E 82 0.38 -23.59 17.94
CA PHE E 82 0.84 -24.10 16.66
C PHE E 82 0.72 -23.02 15.59
N PHE E 83 -0.29 -22.16 15.72
CA PHE E 83 -0.55 -21.10 14.75
C PHE E 83 0.63 -20.13 14.66
N ARG E 84 1.31 -19.91 15.78
CA ARG E 84 2.49 -19.06 15.77
C ARG E 84 3.52 -19.59 14.78
N TYR E 85 3.52 -20.91 14.55
CA TYR E 85 4.57 -21.54 13.77
C TYR E 85 4.54 -21.02 12.35
N VAL E 86 3.33 -20.71 11.87
CA VAL E 86 3.12 -20.05 10.58
C VAL E 86 4.14 -18.93 10.38
N ASP E 87 4.34 -18.12 11.42
CA ASP E 87 5.32 -17.05 11.35
C ASP E 87 6.73 -17.62 11.53
N TRP E 88 6.95 -18.38 12.62
CA TRP E 88 8.30 -18.80 13.01
C TRP E 88 9.01 -19.56 11.92
N VAL E 89 8.33 -20.49 11.26
CA VAL E 89 8.98 -21.29 10.24
C VAL E 89 9.54 -20.39 9.13
N LEU E 90 8.95 -19.20 8.90
CA LEU E 90 9.44 -18.29 7.88
C LEU E 90 10.55 -17.38 8.44
N THR E 91 10.38 -16.88 9.66
CA THR E 91 11.22 -15.80 10.15
C THR E 91 12.54 -16.33 10.70
N VAL E 92 12.46 -17.42 11.49
CA VAL E 92 13.64 -17.97 12.15
C VAL E 92 14.75 -18.23 11.15
N PRO E 93 14.45 -18.82 9.97
CA PRO E 93 15.46 -18.95 8.93
C PRO E 93 16.07 -17.63 8.47
N LEU E 94 15.23 -16.59 8.29
CA LEU E 94 15.76 -15.33 7.79
C LEU E 94 16.81 -14.78 8.75
N MET E 95 16.49 -14.81 10.05
CA MET E 95 17.43 -14.35 11.06
C MET E 95 18.76 -15.08 10.94
N CYS E 96 18.72 -16.40 10.74
CA CYS E 96 19.91 -17.20 10.47
C CYS E 96 20.63 -16.65 9.24
N VAL E 97 19.88 -16.30 8.20
CA VAL E 97 20.50 -15.79 6.98
C VAL E 97 21.28 -14.53 7.34
N GLU E 98 20.74 -13.76 8.30
CA GLU E 98 21.39 -12.54 8.77
C GLU E 98 22.80 -12.79 9.32
N PHE E 99 23.13 -14.04 9.72
CA PHE E 99 24.51 -14.36 10.07
C PHE E 99 25.39 -14.28 8.82
N TYR E 100 24.86 -14.66 7.64
CA TYR E 100 25.67 -14.64 6.44
C TYR E 100 26.01 -13.22 6.01
N LEU E 101 25.04 -12.32 6.13
CA LEU E 101 25.14 -10.97 5.61
C LEU E 101 26.13 -10.14 6.43
N ILE E 102 26.32 -10.48 7.71
CA ILE E 102 27.24 -9.75 8.57
C ILE E 102 28.69 -10.17 8.28
N LEU E 103 28.89 -11.47 7.96
CA LEU E 103 30.23 -12.02 7.80
C LEU E 103 30.58 -12.16 6.32
N LYS E 104 29.76 -11.55 5.46
CA LYS E 104 30.00 -11.63 4.02
C LYS E 104 31.27 -10.86 3.66
N VAL E 105 31.53 -9.76 4.38
CA VAL E 105 32.69 -8.93 4.14
C VAL E 105 33.94 -9.62 4.71
N ALA E 106 33.71 -10.50 5.70
CA ALA E 106 34.78 -11.21 6.37
C ALA E 106 35.21 -12.44 5.58
N GLY E 107 34.42 -12.83 4.58
CA GLY E 107 34.74 -13.95 3.70
C GLY E 107 33.92 -15.18 4.08
N ALA E 108 32.59 -15.00 4.15
CA ALA E 108 31.69 -16.11 4.45
C ALA E 108 31.34 -16.86 3.16
N LYS E 109 31.11 -18.16 3.30
CA LYS E 109 30.91 -19.07 2.18
C LYS E 109 29.46 -19.53 2.18
N LYS E 110 28.86 -19.70 0.99
CA LYS E 110 27.48 -20.13 0.85
C LYS E 110 27.24 -21.46 1.57
N SER E 111 28.29 -22.26 1.76
CA SER E 111 28.20 -23.49 2.52
C SER E 111 27.61 -23.21 3.90
N LEU E 112 28.06 -22.12 4.51
CA LEU E 112 27.60 -21.70 5.83
C LEU E 112 26.13 -21.34 5.74
N MET E 113 25.77 -20.59 4.69
CA MET E 113 24.40 -20.18 4.42
C MET E 113 23.48 -21.40 4.44
N TRP E 114 23.80 -22.34 3.53
CA TRP E 114 23.04 -23.55 3.38
C TRP E 114 22.90 -24.31 4.70
N LYS E 115 24.03 -24.46 5.40
CA LYS E 115 24.02 -25.14 6.69
C LYS E 115 22.97 -24.47 7.58
N LEU E 116 23.15 -23.16 7.80
CA LEU E 116 22.27 -22.44 8.70
C LEU E 116 20.81 -22.66 8.30
N ILE E 117 20.48 -22.40 7.02
CA ILE E 117 19.09 -22.53 6.59
C ILE E 117 18.58 -23.92 6.93
N PHE E 118 19.34 -24.96 6.49
CA PHE E 118 19.05 -26.35 6.77
C PHE E 118 18.72 -26.52 8.25
N LEU E 119 19.67 -26.13 9.10
CA LEU E 119 19.48 -26.34 10.53
C LEU E 119 18.17 -25.68 10.96
N SER E 120 18.02 -24.38 10.66
CA SER E 120 16.87 -23.60 11.11
C SER E 120 15.55 -24.20 10.63
N VAL E 121 15.50 -24.59 9.34
CA VAL E 121 14.27 -25.20 8.85
C VAL E 121 14.00 -26.48 9.64
N VAL E 122 15.02 -27.35 9.77
CA VAL E 122 14.77 -28.64 10.41
C VAL E 122 14.23 -28.32 11.81
N MET E 123 14.96 -27.47 12.54
CA MET E 123 14.52 -27.13 13.87
C MET E 123 13.05 -26.75 13.94
N LEU E 124 12.61 -25.84 13.06
CA LEU E 124 11.22 -25.38 13.10
C LEU E 124 10.23 -26.44 12.64
N VAL E 125 10.57 -27.23 11.60
CA VAL E 125 9.70 -28.32 11.18
C VAL E 125 9.56 -29.34 12.32
N THR E 126 10.69 -29.76 12.90
CA THR E 126 10.64 -30.73 13.99
C THR E 126 9.74 -30.19 15.09
N GLY E 127 9.97 -28.91 15.45
CA GLY E 127 9.09 -28.19 16.39
C GLY E 127 7.61 -28.38 16.04
N TYR E 128 7.28 -28.07 14.77
CA TYR E 128 5.90 -28.09 14.30
C TYR E 128 5.34 -29.51 14.36
N PHE E 129 6.16 -30.52 14.05
CA PHE E 129 5.74 -31.91 14.13
C PHE E 129 5.45 -32.26 15.59
N GLY E 130 6.37 -31.90 16.48
CA GLY E 130 6.17 -32.11 17.91
C GLY E 130 4.86 -31.51 18.42
N GLU E 131 4.49 -30.32 17.91
CA GLU E 131 3.44 -29.51 18.49
C GLU E 131 2.08 -29.71 17.82
N ALA E 132 2.06 -30.19 16.56
CA ALA E 132 0.83 -30.18 15.78
C ALA E 132 0.49 -31.57 15.25
N VAL E 133 1.45 -32.18 14.56
CA VAL E 133 1.29 -33.40 13.79
C VAL E 133 1.28 -34.63 14.72
N ASP E 134 2.32 -34.76 15.56
CA ASP E 134 2.57 -35.96 16.34
C ASP E 134 2.88 -35.56 17.79
N ARG E 135 1.84 -35.51 18.63
CA ARG E 135 1.98 -35.01 19.99
C ARG E 135 2.36 -36.13 20.95
N GLY E 136 2.01 -37.37 20.59
CA GLY E 136 2.36 -38.52 21.41
C GLY E 136 3.87 -38.70 21.54
N ASN E 137 4.57 -38.43 20.42
CA ASN E 137 6.01 -38.62 20.34
C ASN E 137 6.68 -37.24 20.34
N ALA E 138 6.07 -36.27 21.04
CA ALA E 138 6.51 -34.89 20.99
C ALA E 138 7.91 -34.72 21.59
N TRP E 139 8.24 -35.55 22.58
CA TRP E 139 9.49 -35.41 23.30
C TRP E 139 10.68 -35.65 22.37
N LEU E 140 10.53 -36.63 21.46
CA LEU E 140 11.59 -37.02 20.54
C LEU E 140 11.81 -35.87 19.56
N TRP E 141 10.71 -35.35 19.00
CA TRP E 141 10.78 -34.21 18.10
C TRP E 141 11.45 -33.05 18.81
N GLY E 142 10.98 -32.74 20.03
CA GLY E 142 11.68 -31.80 20.89
C GLY E 142 13.19 -32.03 20.84
N LEU E 143 13.59 -33.29 21.10
CA LEU E 143 14.98 -33.67 21.22
C LEU E 143 15.72 -33.30 19.95
N PHE E 144 15.17 -33.73 18.80
CA PHE E 144 15.72 -33.38 17.51
C PHE E 144 15.82 -31.86 17.32
N SER E 145 14.72 -31.14 17.59
CA SER E 145 14.74 -29.69 17.46
C SER E 145 15.83 -29.11 18.35
N GLY E 146 15.84 -29.58 19.62
CA GLY E 146 16.85 -29.17 20.60
C GLY E 146 18.25 -29.28 20.00
N VAL E 147 18.48 -30.41 19.32
CA VAL E 147 19.82 -30.71 18.85
C VAL E 147 20.16 -29.70 17.76
N ALA E 148 19.18 -29.44 16.89
CA ALA E 148 19.35 -28.44 15.84
C ALA E 148 19.57 -27.05 16.43
N TYR E 149 18.84 -26.70 17.48
CA TYR E 149 19.14 -25.44 18.16
C TYR E 149 20.58 -25.40 18.64
N PHE E 150 21.00 -26.42 19.43
CA PHE E 150 22.31 -26.43 20.07
C PHE E 150 23.37 -26.25 19.00
N TRP E 151 23.19 -26.99 17.89
CA TRP E 151 24.14 -26.98 16.81
C TRP E 151 24.30 -25.55 16.31
N ILE E 152 23.17 -24.85 16.16
CA ILE E 152 23.17 -23.47 15.68
C ILE E 152 23.88 -22.58 16.70
N VAL E 153 23.45 -22.66 17.96
CA VAL E 153 24.14 -21.89 18.99
C VAL E 153 25.64 -22.23 19.05
N ILE E 154 26.06 -23.50 18.90
CA ILE E 154 27.48 -23.84 18.97
C ILE E 154 28.20 -23.28 17.76
N GLU E 155 27.56 -23.36 16.60
CA GLU E 155 28.15 -22.85 15.38
C GLU E 155 28.47 -21.36 15.59
N ILE E 156 27.51 -20.61 16.11
CA ILE E 156 27.64 -19.16 16.13
C ILE E 156 28.57 -18.72 17.25
N TRP E 157 28.61 -19.48 18.35
CA TRP E 157 29.42 -19.11 19.50
C TRP E 157 30.89 -19.53 19.33
N PHE E 158 31.14 -20.78 18.91
CA PHE E 158 32.49 -21.33 18.87
C PHE E 158 32.87 -21.84 17.48
N GLY E 159 31.94 -21.80 16.53
CA GLY E 159 32.17 -22.39 15.22
C GLY E 159 32.87 -21.39 14.28
N LYS E 160 32.72 -21.64 12.97
CA LYS E 160 33.42 -20.87 11.94
C LYS E 160 32.96 -19.42 11.93
N ALA E 161 31.68 -19.19 12.26
CA ALA E 161 31.11 -17.85 12.27
C ALA E 161 31.86 -16.92 13.23
N LYS E 162 32.22 -17.42 14.41
CA LYS E 162 32.92 -16.63 15.39
C LYS E 162 34.34 -16.34 14.89
N LYS E 163 34.96 -17.33 14.26
CA LYS E 163 36.33 -17.19 13.80
C LYS E 163 36.39 -16.10 12.71
N LEU E 164 35.37 -16.10 11.83
CA LEU E 164 35.26 -15.11 10.77
C LEU E 164 35.02 -13.73 11.36
N ALA E 165 34.23 -13.65 12.43
CA ALA E 165 33.92 -12.40 13.07
C ALA E 165 35.15 -11.81 13.76
N VAL E 166 35.94 -12.68 14.40
CA VAL E 166 37.13 -12.24 15.12
C VAL E 166 38.18 -11.77 14.12
N ALA E 167 38.29 -12.47 12.98
CA ALA E 167 39.20 -12.08 11.92
C ALA E 167 38.85 -10.68 11.42
N ALA E 168 37.55 -10.44 11.18
CA ALA E 168 37.05 -9.16 10.73
C ALA E 168 37.30 -8.10 11.79
N GLY E 169 36.87 -8.40 13.03
CA GLY E 169 37.03 -7.51 14.17
C GLY E 169 36.26 -6.20 14.00
N GLY E 170 36.20 -5.41 15.09
CA GLY E 170 35.55 -4.10 15.07
C GLY E 170 34.05 -4.21 15.35
N ASP E 171 33.31 -3.23 14.80
CA ASP E 171 31.87 -3.14 14.99
C ASP E 171 31.16 -4.40 14.47
N VAL E 172 31.67 -4.98 13.37
CA VAL E 172 31.17 -6.20 12.79
C VAL E 172 31.18 -7.32 13.83
N LEU E 173 32.25 -7.38 14.64
CA LEU E 173 32.35 -8.38 15.69
C LEU E 173 31.27 -8.10 16.73
N ALA E 174 31.22 -6.85 17.20
CA ALA E 174 30.35 -6.51 18.32
C ALA E 174 28.92 -6.97 18.04
N ALA E 175 28.34 -6.45 16.95
CA ALA E 175 26.98 -6.76 16.54
C ALA E 175 26.75 -8.26 16.40
N HIS E 176 27.77 -9.02 15.92
CA HIS E 176 27.73 -10.47 15.98
C HIS E 176 27.43 -10.94 17.40
N LYS E 177 28.20 -10.45 18.38
CA LYS E 177 28.06 -11.05 19.69
C LYS E 177 26.59 -10.89 20.08
N THR E 178 26.09 -9.68 19.94
CA THR E 178 24.75 -9.32 20.42
C THR E 178 23.68 -10.21 19.82
N LEU E 179 23.81 -10.49 18.51
CA LEU E 179 23.07 -11.56 17.86
C LEU E 179 23.14 -12.84 18.70
N CYS E 180 24.37 -13.28 19.04
CA CYS E 180 24.51 -14.54 19.75
C CYS E 180 23.78 -14.47 21.08
N TRP E 181 23.82 -13.29 21.73
CA TRP E 181 23.08 -13.16 22.97
C TRP E 181 21.58 -13.34 22.74
N PHE E 182 21.04 -12.59 21.76
CA PHE E 182 19.66 -12.74 21.31
C PHE E 182 19.32 -14.19 20.96
N VAL E 183 20.18 -14.88 20.20
CA VAL E 183 19.95 -16.32 20.04
C VAL E 183 19.96 -17.02 21.39
N LEU E 184 21.01 -16.79 22.20
CA LEU E 184 21.19 -17.59 23.41
C LEU E 184 20.06 -17.33 24.40
N VAL E 185 19.81 -16.04 24.68
CA VAL E 185 18.90 -15.66 25.75
C VAL E 185 17.52 -15.40 25.17
N GLY E 186 17.46 -14.65 24.07
CA GLY E 186 16.17 -14.25 23.50
C GLY E 186 15.35 -15.45 23.11
N TRP E 187 15.96 -16.37 22.35
CA TRP E 187 15.22 -17.51 21.83
C TRP E 187 14.82 -18.51 22.92
N ALA E 188 15.57 -18.54 24.03
CA ALA E 188 15.42 -19.56 25.07
C ALA E 188 13.96 -19.74 25.52
N ILE E 189 13.17 -18.67 25.42
CA ILE E 189 11.78 -18.68 25.87
C ILE E 189 10.93 -19.63 25.02
N TYR E 190 11.36 -19.91 23.77
CA TYR E 190 10.54 -20.74 22.89
C TYR E 190 10.62 -22.20 23.31
N PRO E 191 11.81 -22.84 23.41
CA PRO E 191 11.93 -24.18 24.01
C PRO E 191 11.22 -24.36 25.35
N ILE E 192 11.26 -23.34 26.21
CA ILE E 192 10.58 -23.41 27.48
C ILE E 192 9.08 -23.57 27.26
N GLY E 193 8.51 -22.75 26.38
CA GLY E 193 7.08 -22.78 26.14
C GLY E 193 6.63 -24.13 25.60
N TYR E 194 7.48 -24.76 24.78
CA TYR E 194 7.26 -26.13 24.33
C TYR E 194 7.04 -27.04 25.53
N MET E 195 7.90 -26.95 26.55
CA MET E 195 7.80 -27.78 27.74
C MET E 195 6.43 -27.62 28.39
N ALA E 196 5.92 -26.38 28.40
CA ALA E 196 4.64 -26.07 29.00
C ALA E 196 3.47 -26.49 28.09
N GLY E 197 3.78 -26.81 26.83
CA GLY E 197 2.76 -27.03 25.81
C GLY E 197 2.49 -28.50 25.55
N THR E 198 3.52 -29.34 25.67
CA THR E 198 3.44 -30.74 25.24
C THR E 198 3.58 -31.64 26.47
N PRO E 199 2.91 -32.82 26.48
CA PRO E 199 3.12 -33.80 27.53
C PRO E 199 4.47 -34.49 27.41
N GLY E 200 4.95 -35.02 28.55
CA GLY E 200 6.24 -35.68 28.61
C GLY E 200 6.79 -35.67 30.03
N TRP E 201 8.11 -35.57 30.13
CA TRP E 201 8.84 -35.67 31.39
C TRP E 201 9.13 -34.29 31.97
N TYR E 202 8.70 -33.23 31.26
CA TYR E 202 9.01 -31.86 31.66
C TYR E 202 7.72 -31.10 32.01
N ASP E 203 6.61 -31.82 32.13
CA ASP E 203 5.33 -31.23 32.50
C ASP E 203 5.40 -30.64 33.92
N SER E 204 5.98 -31.42 34.85
CA SER E 204 6.11 -31.01 36.24
C SER E 204 6.87 -29.68 36.35
N ILE E 205 8.07 -29.64 35.77
CA ILE E 205 8.94 -28.48 35.86
C ILE E 205 8.24 -27.27 35.24
N PHE E 206 7.88 -27.39 33.94
CA PHE E 206 7.12 -26.36 33.25
C PHE E 206 5.77 -26.93 32.80
N GLY E 207 4.70 -26.44 33.42
CA GLY E 207 3.34 -26.77 33.03
C GLY E 207 2.35 -25.76 33.60
N GLY E 208 1.35 -25.37 32.78
CA GLY E 208 0.24 -24.54 33.23
C GLY E 208 0.57 -23.04 33.21
N TRP E 209 1.77 -22.69 32.74
CA TRP E 209 2.19 -21.29 32.67
C TRP E 209 1.44 -20.58 31.54
N ASP E 210 1.06 -19.31 31.79
CA ASP E 210 0.51 -18.46 30.75
C ASP E 210 1.62 -17.74 29.99
N LEU E 211 1.76 -18.11 28.71
CA LEU E 211 2.90 -17.74 27.90
C LEU E 211 2.50 -16.71 26.87
N ASN E 212 1.19 -16.49 26.66
CA ASN E 212 0.77 -15.65 25.55
C ASN E 212 1.44 -14.29 25.67
N VAL E 213 1.34 -13.69 26.85
CA VAL E 213 1.89 -12.37 27.09
C VAL E 213 3.40 -12.40 26.86
N ILE E 214 4.06 -13.46 27.35
CA ILE E 214 5.50 -13.59 27.17
C ILE E 214 5.81 -13.79 25.68
N TYR E 215 5.00 -14.59 24.98
CA TYR E 215 5.16 -14.71 23.54
C TYR E 215 5.04 -13.33 22.88
N ASN E 216 3.96 -12.58 23.18
CA ASN E 216 3.74 -11.34 22.45
C ASN E 216 4.88 -10.35 22.68
N ILE E 217 5.35 -10.20 23.94
CA ILE E 217 6.42 -9.24 24.24
C ILE E 217 7.72 -9.75 23.62
N GLY E 218 8.08 -11.01 23.92
CA GLY E 218 9.31 -11.59 23.44
C GLY E 218 9.41 -11.49 21.93
N ASP E 219 8.37 -11.91 21.23
CA ASP E 219 8.41 -11.93 19.77
C ASP E 219 8.87 -10.58 19.25
N ALA E 220 8.17 -9.53 19.69
CA ALA E 220 8.44 -8.18 19.24
C ALA E 220 9.86 -7.75 19.60
N ILE E 221 10.25 -8.03 20.85
CA ILE E 221 11.60 -7.71 21.29
C ILE E 221 12.58 -8.43 20.36
N ASN E 222 12.46 -9.76 20.27
CA ASN E 222 13.43 -10.54 19.50
C ASN E 222 13.62 -9.92 18.12
N LYS E 223 12.54 -9.81 17.36
CA LYS E 223 12.62 -9.39 15.96
C LYS E 223 12.99 -7.92 15.76
N ILE E 224 12.36 -7.03 16.56
CA ILE E 224 12.72 -5.63 16.49
C ILE E 224 14.16 -5.46 16.96
N GLY E 225 14.57 -6.26 17.95
CA GLY E 225 15.94 -6.22 18.45
C GLY E 225 16.96 -6.53 17.37
N PHE E 226 16.77 -7.68 16.72
CA PHE E 226 17.66 -8.02 15.63
C PHE E 226 17.76 -6.81 14.68
N GLY E 227 16.61 -6.41 14.14
CA GLY E 227 16.54 -5.26 13.25
C GLY E 227 17.37 -4.09 13.71
N LEU E 228 17.12 -3.62 14.96
CA LEU E 228 17.81 -2.46 15.51
C LEU E 228 19.31 -2.71 15.59
N VAL E 229 19.71 -3.96 15.76
CA VAL E 229 21.14 -4.26 15.79
C VAL E 229 21.68 -4.03 14.39
N ILE E 230 21.15 -4.75 13.41
CA ILE E 230 21.70 -4.63 12.07
C ILE E 230 21.69 -3.15 11.64
N TYR E 231 20.61 -2.42 11.88
CA TYR E 231 20.58 -0.98 11.61
C TYR E 231 21.68 -0.20 12.34
N ASN E 232 21.94 -0.55 13.61
CA ASN E 232 23.01 0.06 14.38
C ASN E 232 24.35 -0.21 13.69
N LEU E 233 24.49 -1.39 13.09
CA LEU E 233 25.74 -1.79 12.48
C LEU E 233 25.95 -0.93 11.24
N ALA E 234 24.87 -0.73 10.49
CA ALA E 234 24.93 0.07 9.27
C ALA E 234 25.26 1.52 9.58
N VAL E 235 24.68 2.06 10.65
CA VAL E 235 24.86 3.46 10.98
C VAL E 235 26.29 3.68 11.48
N GLN E 236 26.84 2.74 12.26
CA GLN E 236 28.18 2.87 12.79
C GLN E 236 29.23 2.61 11.71
N ALA E 237 28.82 2.04 10.57
CA ALA E 237 29.73 1.75 9.48
C ALA E 237 29.77 2.88 8.45
N THR E 238 28.71 3.72 8.41
CA THR E 238 28.63 4.81 7.45
C THR E 238 29.22 6.09 8.04
N ASN E 239 29.05 6.29 9.36
CA ASN E 239 29.37 7.57 9.98
C ASN E 239 30.88 7.73 10.10
N LYS E 240 31.62 6.62 10.17
CA LYS E 240 33.07 6.65 10.26
C LYS E 240 33.64 6.32 8.87
#